data_7WKW
#
_entry.id   7WKW
#
_cell.length_a   1.00
_cell.length_b   1.00
_cell.length_c   1.00
_cell.angle_alpha   90.00
_cell.angle_beta   90.00
_cell.angle_gamma   90.00
#
_symmetry.space_group_name_H-M   'P 1'
#
loop_
_entity.id
_entity.type
_entity.pdbx_description
1 polymer 'Auxin efflux carrier component 3'
2 non-polymer '2-(naphthalen-1-ylcarbamoyl)benzoic acid'
#
_entity_poly.entity_id   1
_entity_poly.type   'polypeptide(L)'
_entity_poly.pdbx_seq_one_letter_code
;DYKDDDDKWSHPQFEKGGGGSGGSAWSHPQFEKEFKGLVDMISWHDLYTVLTAVIPLYVAMILAYGSVRWWKIFSPDQCS
GINRFVAIFAVPLLSFHFISTNNPYAMNLRFIAADTLQKIIMLSLLVLWANFTRSGSLEWSITIFSLSTLPNTLVMGIPL
LIAMYGEYSGSLMVQIVVLQCIIWYTLLLFLFEFRGAKMLIMEQFPETAASIVSFKVESDVVSLDGHDFLETDAEIGDDG
KLHVTVRKSNASRRSFCGPNMTPRPSNLTGAEIYSLSTTPRGSNFNHSDFYNMMGFPGGRLSNFGPADMYSVQSSRGPTP
RPSNFEENCAMASSPRFGYYPGGGAGSYPAPNPEFSSTTTSTANKSVNKNPKDVNTNQQTTLPTGGKSNSHDAKELHMFV
WSSNGSPVSDRAGLNVFGGAPDNDQGGRSDQGAKEIRMLVPDQSHNGETKAVAHPASGDFGGEQQFSFAGKEEEAERPKD
AENGLNKLAPNSTAALQSKTGLGGAEASQRKNMPPASVMTRLILIMVWRKLIRNPNTYSSLIGLIWALVAFRWHVAMPKI
IQQSISILSDAGLGMAMFSLGLFMALQPKLIACGNSVATFAMAVRFLTGPAVMAVAAIAIGLRGDLLRVAIVQAALPQGI
VPFVFAKEYNVHPAILSTGVIFGMLIALPITLVYYILLGL
;
_entity_poly.pdbx_strand_id   B,A
#
# COMPACT_ATOMS: atom_id res chain seq x y z
N SER A 43 -36.40 1.54 7.11
CA SER A 43 -36.20 0.13 6.81
C SER A 43 -34.88 -0.36 7.41
N TRP A 44 -34.79 -1.68 7.62
CA TRP A 44 -33.58 -2.25 8.19
C TRP A 44 -32.65 -2.80 7.11
N HIS A 45 -33.18 -3.21 5.96
CA HIS A 45 -32.33 -3.65 4.86
C HIS A 45 -31.47 -2.49 4.35
N ASP A 46 -32.05 -1.29 4.24
CA ASP A 46 -31.27 -0.14 3.80
C ASP A 46 -30.15 0.17 4.78
N LEU A 47 -30.44 0.12 6.07
CA LEU A 47 -29.40 0.36 7.08
C LEU A 47 -28.32 -0.70 7.00
N TYR A 48 -28.71 -1.95 6.79
CA TYR A 48 -27.72 -3.02 6.66
C TYR A 48 -26.84 -2.81 5.43
N THR A 49 -27.44 -2.37 4.31
CA THR A 49 -26.65 -2.13 3.11
C THR A 49 -25.67 -0.97 3.31
N VAL A 50 -26.12 0.11 3.95
CA VAL A 50 -25.21 1.22 4.23
C VAL A 50 -24.07 0.75 5.14
N LEU A 51 -24.41 -0.04 6.16
CA LEU A 51 -23.37 -0.54 7.06
C LEU A 51 -22.41 -1.47 6.32
N THR A 52 -22.91 -2.31 5.42
CA THR A 52 -22.03 -3.17 4.65
C THR A 52 -21.07 -2.34 3.82
N ALA A 53 -21.56 -1.27 3.21
CA ALA A 53 -20.70 -0.43 2.39
C ALA A 53 -19.67 0.32 3.23
N VAL A 54 -20.03 0.74 4.43
CA VAL A 54 -19.22 1.70 5.19
C VAL A 54 -18.29 1.03 6.19
N ILE A 55 -18.71 -0.13 6.73
CA ILE A 55 -17.95 -0.76 7.82
C ILE A 55 -16.54 -1.16 7.40
N PRO A 56 -16.30 -1.80 6.25
CA PRO A 56 -14.92 -2.20 5.94
C PRO A 56 -13.93 -1.04 5.88
N LEU A 57 -14.36 0.16 5.49
CA LEU A 57 -13.49 1.32 5.58
C LEU A 57 -13.06 1.58 7.02
N TYR A 58 -14.02 1.51 7.94
CA TYR A 58 -13.69 1.67 9.36
C TYR A 58 -12.85 0.52 9.88
N VAL A 59 -13.05 -0.69 9.34
CA VAL A 59 -12.24 -1.84 9.74
C VAL A 59 -10.78 -1.60 9.37
N ALA A 60 -10.54 -1.12 8.14
CA ALA A 60 -9.18 -0.78 7.75
C ALA A 60 -8.60 0.34 8.61
N MET A 61 -9.42 1.37 8.88
CA MET A 61 -8.97 2.47 9.72
C MET A 61 -8.56 1.97 11.10
N ILE A 62 -9.36 1.08 11.69
CA ILE A 62 -9.08 0.62 13.05
C ILE A 62 -7.95 -0.40 13.06
N LEU A 63 -7.77 -1.16 11.97
CA LEU A 63 -6.58 -2.00 11.88
C LEU A 63 -5.32 -1.15 11.89
N ALA A 64 -5.30 -0.06 11.12
CA ALA A 64 -4.15 0.83 11.17
C ALA A 64 -3.97 1.44 12.55
N TYR A 65 -5.07 1.88 13.17
CA TYR A 65 -5.02 2.48 14.49
C TYR A 65 -4.45 1.50 15.51
N GLY A 66 -4.93 0.25 15.49
CA GLY A 66 -4.42 -0.74 16.43
C GLY A 66 -2.99 -1.13 16.16
N SER A 67 -2.61 -1.21 14.88
CA SER A 67 -1.22 -1.53 14.55
C SER A 67 -0.28 -0.48 15.12
N VAL A 68 -0.65 0.79 15.04
CA VAL A 68 0.24 1.82 15.56
C VAL A 68 0.13 1.94 17.08
N ARG A 69 -1.05 1.70 17.65
CA ARG A 69 -1.35 2.08 19.03
C ARG A 69 -1.37 0.90 19.99
N TRP A 70 -1.98 -0.22 19.62
CA TRP A 70 -2.13 -1.35 20.53
C TRP A 70 -1.01 -2.37 20.37
N TRP A 71 -0.73 -2.81 19.16
CA TRP A 71 0.30 -3.84 18.93
C TRP A 71 1.63 -3.27 18.48
N LYS A 72 1.69 -1.99 18.10
CA LYS A 72 2.94 -1.30 17.80
C LYS A 72 3.72 -2.04 16.71
N ILE A 73 3.13 -2.07 15.51
CA ILE A 73 3.74 -2.75 14.37
C ILE A 73 4.58 -1.79 13.52
N PHE A 74 4.21 -0.51 13.46
CA PHE A 74 4.86 0.45 12.59
C PHE A 74 5.46 1.58 13.43
N SER A 75 6.60 2.09 12.96
CA SER A 75 7.23 3.26 13.52
C SER A 75 6.69 4.53 12.86
N PRO A 76 6.93 5.70 13.47
CA PRO A 76 6.50 6.94 12.79
C PRO A 76 7.07 7.12 11.40
N ASP A 77 8.33 6.74 11.18
CA ASP A 77 8.92 6.87 9.86
C ASP A 77 8.28 5.93 8.85
N GLN A 78 8.01 4.68 9.25
CA GLN A 78 7.31 3.76 8.37
C GLN A 78 5.89 4.24 8.09
N CYS A 79 5.25 4.84 9.10
CA CYS A 79 3.94 5.43 8.90
C CYS A 79 4.02 6.55 7.86
N SER A 80 5.04 7.40 7.96
CA SER A 80 5.21 8.47 6.99
C SER A 80 5.45 7.91 5.60
N GLY A 81 6.21 6.83 5.49
CA GLY A 81 6.42 6.21 4.19
C GLY A 81 5.13 5.71 3.58
N ILE A 82 4.31 5.01 4.37
CA ILE A 82 3.03 4.53 3.86
C ILE A 82 2.14 5.70 3.46
N ASN A 83 2.11 6.75 4.27
CA ASN A 83 1.25 7.90 3.99
C ASN A 83 1.71 8.62 2.72
N ARG A 84 3.02 8.78 2.54
CA ARG A 84 3.52 9.42 1.34
C ARG A 84 3.24 8.57 0.11
N PHE A 85 3.38 7.25 0.22
CA PHE A 85 2.99 6.41 -0.91
C PHE A 85 1.53 6.63 -1.26
N VAL A 86 0.67 6.65 -0.25
CA VAL A 86 -0.76 6.84 -0.50
C VAL A 86 -0.98 8.15 -1.25
N ALA A 87 -0.45 9.25 -0.71
CA ALA A 87 -0.69 10.57 -1.30
C ALA A 87 -0.13 10.66 -2.72
N ILE A 88 1.07 10.14 -2.94
CA ILE A 88 1.73 10.33 -4.24
C ILE A 88 1.09 9.45 -5.31
N PHE A 89 0.76 8.20 -4.97
CA PHE A 89 0.36 7.22 -5.97
C PHE A 89 -1.10 6.82 -5.90
N ALA A 90 -1.59 6.44 -4.71
CA ALA A 90 -2.84 5.71 -4.64
C ALA A 90 -4.04 6.63 -4.85
N VAL A 91 -4.09 7.74 -4.11
CA VAL A 91 -5.21 8.69 -4.27
C VAL A 91 -5.20 9.32 -5.65
N PRO A 92 -4.07 9.83 -6.17
CA PRO A 92 -4.10 10.38 -7.54
C PRO A 92 -4.53 9.38 -8.60
N LEU A 93 -4.12 8.12 -8.49
CA LEU A 93 -4.54 7.13 -9.47
C LEU A 93 -6.02 6.80 -9.32
N LEU A 94 -6.52 6.80 -8.08
CA LEU A 94 -7.95 6.65 -7.87
C LEU A 94 -8.72 7.80 -8.50
N SER A 95 -8.21 9.03 -8.36
CA SER A 95 -8.85 10.17 -8.99
C SER A 95 -8.84 10.05 -10.50
N PHE A 96 -7.71 9.63 -11.08
CA PHE A 96 -7.67 9.43 -12.53
C PHE A 96 -8.66 8.35 -12.96
N HIS A 97 -8.77 7.28 -12.18
CA HIS A 97 -9.71 6.21 -12.50
C HIS A 97 -11.15 6.73 -12.49
N PHE A 98 -11.51 7.54 -11.50
CA PHE A 98 -12.89 8.01 -11.39
C PHE A 98 -13.19 9.07 -12.44
N ILE A 99 -12.29 10.04 -12.62
CA ILE A 99 -12.55 11.16 -13.53
C ILE A 99 -12.52 10.69 -14.98
N SER A 100 -11.52 9.88 -15.34
CA SER A 100 -11.35 9.46 -16.72
C SER A 100 -12.47 8.55 -17.20
N THR A 101 -13.31 8.06 -16.30
CA THR A 101 -14.42 7.18 -16.64
C THR A 101 -15.77 7.89 -16.65
N ASN A 102 -15.82 9.15 -16.22
CA ASN A 102 -17.08 9.89 -16.13
C ASN A 102 -17.25 10.79 -17.34
N ASN A 103 -18.39 10.69 -18.00
CA ASN A 103 -18.66 11.47 -19.20
C ASN A 103 -18.81 12.94 -18.84
N PRO A 104 -17.99 13.84 -19.38
CA PRO A 104 -18.13 15.27 -19.04
C PRO A 104 -19.15 16.00 -19.90
N TYR A 105 -19.75 15.36 -20.89
CA TYR A 105 -20.78 15.96 -21.72
C TYR A 105 -22.18 15.76 -21.16
N ALA A 106 -22.32 14.99 -20.08
CA ALA A 106 -23.62 14.66 -19.50
C ALA A 106 -23.72 15.11 -18.05
N MET A 107 -23.03 16.19 -17.69
CA MET A 107 -23.09 16.69 -16.33
C MET A 107 -24.43 17.36 -16.05
N ASN A 108 -24.79 17.42 -14.78
CA ASN A 108 -26.04 18.05 -14.34
C ASN A 108 -25.76 19.50 -13.99
N LEU A 109 -26.40 20.42 -14.72
CA LEU A 109 -26.09 21.84 -14.56
C LEU A 109 -26.69 22.41 -13.28
N ARG A 110 -27.88 21.97 -12.89
CA ARG A 110 -28.51 22.49 -11.68
C ARG A 110 -27.74 22.06 -10.43
N PHE A 111 -27.26 20.83 -10.41
CA PHE A 111 -26.45 20.36 -9.27
C PHE A 111 -25.17 21.17 -9.15
N ILE A 112 -24.50 21.41 -10.28
CA ILE A 112 -23.29 22.23 -10.28
C ILE A 112 -23.63 23.64 -9.81
N ALA A 113 -24.75 24.19 -10.28
CA ALA A 113 -25.12 25.55 -9.91
C ALA A 113 -25.41 25.64 -8.41
N ALA A 114 -26.05 24.63 -7.84
CA ALA A 114 -26.32 24.64 -6.40
C ALA A 114 -25.02 24.55 -5.60
N ASP A 115 -24.12 23.63 -6.00
CA ASP A 115 -22.86 23.52 -5.29
C ASP A 115 -22.03 24.80 -5.41
N THR A 116 -22.16 25.51 -6.53
CA THR A 116 -21.45 26.78 -6.70
C THR A 116 -22.12 27.88 -5.89
N LEU A 117 -23.45 27.90 -5.85
CA LEU A 117 -24.17 28.96 -5.14
C LEU A 117 -23.98 28.86 -3.64
N GLN A 118 -23.86 27.64 -3.11
CA GLN A 118 -23.51 27.52 -1.69
C GLN A 118 -22.25 28.30 -1.38
N LYS A 119 -21.19 28.07 -2.16
CA LYS A 119 -19.92 28.72 -1.90
C LYS A 119 -19.97 30.21 -2.21
N ILE A 120 -20.75 30.61 -3.20
CA ILE A 120 -20.93 32.04 -3.48
C ILE A 120 -21.60 32.73 -2.29
N ILE A 121 -22.64 32.09 -1.73
CA ILE A 121 -23.32 32.66 -0.57
C ILE A 121 -22.35 32.78 0.60
N MET A 122 -21.59 31.70 0.87
CA MET A 122 -20.67 31.73 2.00
C MET A 122 -19.59 32.78 1.80
N LEU A 123 -19.06 32.91 0.58
CA LEU A 123 -18.02 33.89 0.33
C LEU A 123 -18.56 35.31 0.42
N SER A 124 -19.78 35.55 -0.04
CA SER A 124 -20.38 36.87 0.10
C SER A 124 -20.55 37.24 1.58
N LEU A 125 -21.08 36.29 2.37
CA LEU A 125 -21.23 36.55 3.81
C LEU A 125 -19.88 36.81 4.45
N LEU A 126 -18.85 36.04 4.08
CA LEU A 126 -17.56 36.19 4.72
C LEU A 126 -16.88 37.49 4.32
N VAL A 127 -17.05 37.92 3.06
CA VAL A 127 -16.51 39.22 2.64
C VAL A 127 -17.19 40.34 3.42
N LEU A 128 -18.52 40.29 3.51
CA LEU A 128 -19.24 41.31 4.27
C LEU A 128 -18.74 41.37 5.70
N TRP A 129 -18.65 40.20 6.36
CA TRP A 129 -18.21 40.17 7.75
C TRP A 129 -16.78 40.67 7.90
N ALA A 130 -15.90 40.26 6.99
CA ALA A 130 -14.48 40.57 7.14
C ALA A 130 -14.21 42.05 6.89
N ASN A 131 -14.94 42.67 5.97
CA ASN A 131 -14.66 44.07 5.65
C ASN A 131 -15.43 45.03 6.53
N PHE A 132 -16.68 44.69 6.90
CA PHE A 132 -17.55 45.61 7.61
C PHE A 132 -17.68 45.29 9.10
N THR A 133 -16.88 44.36 9.62
CA THR A 133 -16.87 44.03 11.04
C THR A 133 -15.43 44.02 11.53
N ARG A 134 -15.18 44.71 12.64
CA ARG A 134 -13.81 44.77 13.15
C ARG A 134 -13.30 43.41 13.61
N SER A 135 -14.22 42.50 13.96
CA SER A 135 -13.82 41.17 14.39
C SER A 135 -13.42 40.27 13.23
N GLY A 136 -13.58 40.72 11.99
CA GLY A 136 -13.31 39.85 10.86
C GLY A 136 -11.83 39.68 10.58
N SER A 137 -11.52 38.61 9.85
CA SER A 137 -10.14 38.30 9.47
C SER A 137 -10.16 37.35 8.29
N LEU A 138 -9.06 37.35 7.54
CA LEU A 138 -8.97 36.50 6.35
C LEU A 138 -8.75 35.04 6.71
N GLU A 139 -7.92 34.77 7.71
CA GLU A 139 -7.64 33.39 8.09
C GLU A 139 -8.89 32.69 8.58
N TRP A 140 -9.69 33.34 9.42
CA TRP A 140 -10.94 32.75 9.86
C TRP A 140 -11.91 32.58 8.71
N SER A 141 -11.90 33.50 7.75
CA SER A 141 -12.75 33.35 6.57
C SER A 141 -12.37 32.09 5.79
N ILE A 142 -11.07 31.88 5.59
CA ILE A 142 -10.62 30.68 4.87
C ILE A 142 -11.02 29.42 5.64
N THR A 143 -10.80 29.43 6.96
CA THR A 143 -11.11 28.24 7.75
C THR A 143 -12.61 27.94 7.73
N ILE A 144 -13.44 28.97 7.85
CA ILE A 144 -14.88 28.75 7.84
C ILE A 144 -15.33 28.27 6.47
N PHE A 145 -14.79 28.84 5.40
CA PHE A 145 -15.14 28.39 4.05
C PHE A 145 -14.80 26.92 3.87
N SER A 146 -13.59 26.52 4.31
CA SER A 146 -13.20 25.13 4.17
C SER A 146 -14.08 24.21 5.01
N LEU A 147 -14.37 24.60 6.26
CA LEU A 147 -15.18 23.76 7.13
C LEU A 147 -16.58 23.60 6.57
N SER A 148 -17.15 24.66 6.00
CA SER A 148 -18.56 24.65 5.61
C SER A 148 -18.79 24.23 4.16
N THR A 149 -17.74 24.10 3.35
CA THR A 149 -17.95 23.87 1.92
C THR A 149 -17.23 22.67 1.33
N LEU A 150 -16.15 22.16 1.94
CA LEU A 150 -15.22 21.24 1.27
C LEU A 150 -15.10 19.94 2.07
N PRO A 151 -16.02 19.00 1.89
CA PRO A 151 -15.99 17.74 2.65
C PRO A 151 -15.09 16.70 1.98
N ASN A 152 -15.04 15.52 2.59
CA ASN A 152 -14.26 14.40 2.06
C ASN A 152 -15.25 13.76 1.09
N THR A 153 -14.96 13.91 -0.19
CA THR A 153 -15.89 13.50 -1.23
C THR A 153 -15.38 12.34 -2.09
N LEU A 154 -14.07 12.22 -2.27
CA LEU A 154 -13.54 11.20 -3.17
C LEU A 154 -13.54 9.82 -2.51
N VAL A 155 -12.99 9.74 -1.30
CA VAL A 155 -12.70 8.43 -0.71
C VAL A 155 -13.95 7.77 -0.16
N MET A 156 -14.62 8.42 0.80
CA MET A 156 -15.79 7.83 1.43
C MET A 156 -17.10 8.36 0.87
N GLY A 157 -17.10 9.53 0.23
CA GLY A 157 -18.34 10.08 -0.26
C GLY A 157 -18.98 9.21 -1.34
N ILE A 158 -18.17 8.78 -2.31
CA ILE A 158 -18.73 8.00 -3.42
C ILE A 158 -19.31 6.68 -2.96
N PRO A 159 -18.61 5.84 -2.18
CA PRO A 159 -19.23 4.59 -1.72
C PRO A 159 -20.46 4.81 -0.85
N LEU A 160 -20.40 5.77 0.08
CA LEU A 160 -21.52 6.02 0.97
C LEU A 160 -22.75 6.47 0.18
N LEU A 161 -22.56 7.39 -0.77
CA LEU A 161 -23.69 7.91 -1.53
C LEU A 161 -24.22 6.87 -2.50
N ILE A 162 -23.37 6.01 -3.05
CA ILE A 162 -23.85 4.93 -3.90
C ILE A 162 -24.68 3.95 -3.08
N ALA A 163 -24.22 3.63 -1.88
CA ALA A 163 -24.99 2.75 -1.01
C ALA A 163 -26.34 3.37 -0.64
N MET A 164 -26.35 4.68 -0.37
CA MET A 164 -27.58 5.32 0.09
C MET A 164 -28.59 5.50 -1.05
N TYR A 165 -28.13 5.91 -2.23
CA TYR A 165 -29.05 6.34 -3.29
C TYR A 165 -28.85 5.68 -4.65
N GLY A 166 -27.68 5.13 -4.95
CA GLY A 166 -27.45 4.45 -6.21
C GLY A 166 -26.24 5.02 -6.96
N GLU A 167 -26.06 4.51 -8.18
CA GLU A 167 -24.86 4.81 -8.95
C GLU A 167 -24.89 6.23 -9.51
N TYR A 168 -26.07 6.70 -9.94
CA TYR A 168 -26.18 8.07 -10.43
C TYR A 168 -25.67 9.06 -9.39
N SER A 169 -25.90 8.75 -8.10
CA SER A 169 -25.28 9.55 -7.05
C SER A 169 -23.78 9.50 -7.13
N GLY A 170 -23.21 8.35 -7.50
CA GLY A 170 -21.77 8.29 -7.72
C GLY A 170 -21.32 9.21 -8.84
N SER A 171 -22.09 9.28 -9.91
CA SER A 171 -21.77 10.21 -10.99
C SER A 171 -21.82 11.66 -10.52
N LEU A 172 -22.86 12.01 -9.75
CA LEU A 172 -22.95 13.37 -9.21
C LEU A 172 -21.77 13.69 -8.30
N MET A 173 -21.38 12.73 -7.46
CA MET A 173 -20.23 12.94 -6.59
C MET A 173 -18.95 13.08 -7.39
N VAL A 174 -18.85 12.38 -8.52
CA VAL A 174 -17.68 12.54 -9.39
C VAL A 174 -17.64 13.95 -9.96
N GLN A 175 -18.78 14.49 -10.38
CA GLN A 175 -18.81 15.86 -10.86
C GLN A 175 -18.37 16.83 -9.76
N ILE A 176 -18.86 16.61 -8.54
CA ILE A 176 -18.46 17.46 -7.41
C ILE A 176 -16.95 17.36 -7.19
N VAL A 177 -16.40 16.14 -7.32
CA VAL A 177 -14.95 15.97 -7.15
C VAL A 177 -14.20 16.78 -8.20
N VAL A 178 -14.65 16.71 -9.45
CA VAL A 178 -13.98 17.45 -10.52
C VAL A 178 -14.00 18.94 -10.22
N LEU A 179 -15.16 19.48 -9.83
CA LEU A 179 -15.26 20.90 -9.54
C LEU A 179 -14.38 21.31 -8.37
N GLN A 180 -14.33 20.48 -7.31
CA GLN A 180 -13.45 20.79 -6.19
C GLN A 180 -11.99 20.78 -6.62
N CYS A 181 -11.60 19.79 -7.41
CA CYS A 181 -10.20 19.65 -7.78
C CYS A 181 -9.73 20.80 -8.67
N ILE A 182 -10.54 21.15 -9.67
CA ILE A 182 -10.10 22.14 -10.65
C ILE A 182 -10.18 23.55 -10.07
N ILE A 183 -11.33 23.90 -9.48
CA ILE A 183 -11.66 25.28 -9.17
C ILE A 183 -11.37 25.62 -7.70
N TRP A 184 -12.05 24.96 -6.77
CA TRP A 184 -12.07 25.44 -5.39
C TRP A 184 -10.75 25.21 -4.67
N TYR A 185 -10.05 24.13 -5.03
CA TYR A 185 -8.70 23.89 -4.52
C TYR A 185 -7.75 24.95 -5.10
N THR A 186 -7.93 25.29 -6.38
CA THR A 186 -7.16 26.36 -7.00
C THR A 186 -7.43 27.69 -6.31
N LEU A 187 -8.69 27.97 -5.98
CA LEU A 187 -9.01 29.19 -5.25
C LEU A 187 -8.39 29.19 -3.86
N LEU A 188 -8.35 28.03 -3.20
CA LEU A 188 -7.67 27.95 -1.91
C LEU A 188 -6.18 28.24 -2.06
N LEU A 189 -5.56 27.72 -3.13
CA LEU A 189 -4.17 28.05 -3.39
C LEU A 189 -3.98 29.54 -3.59
N PHE A 190 -4.89 30.17 -4.35
CA PHE A 190 -4.82 31.61 -4.58
C PHE A 190 -4.90 32.37 -3.26
N LEU A 191 -5.83 31.99 -2.40
CA LEU A 191 -5.99 32.69 -1.13
C LEU A 191 -4.76 32.52 -0.23
N PHE A 192 -4.25 31.29 -0.13
CA PHE A 192 -3.07 31.05 0.70
C PHE A 192 -1.87 31.81 0.17
N GLU A 193 -1.67 31.83 -1.15
CA GLU A 193 -0.53 32.54 -1.72
C GLU A 193 -0.69 34.04 -1.58
N PHE A 194 -1.92 34.56 -1.68
CA PHE A 194 -2.13 35.99 -1.44
C PHE A 194 -1.81 36.34 0.00
N ARG A 195 -2.21 35.50 0.95
CA ARG A 195 -1.88 35.76 2.35
C ARG A 195 -0.38 35.75 2.56
N GLY A 196 0.31 34.76 1.99
CA GLY A 196 1.76 34.71 2.13
C GLY A 196 2.45 35.90 1.51
N ALA A 197 2.02 36.30 0.31
CA ALA A 197 2.61 37.45 -0.35
C ALA A 197 2.38 38.73 0.44
N LYS A 198 1.17 38.90 0.97
CA LYS A 198 0.88 40.07 1.79
C LYS A 198 1.78 40.11 3.02
N MET A 199 1.94 38.96 3.68
CA MET A 199 2.80 38.91 4.86
C MET A 199 4.24 39.27 4.50
N LEU A 200 4.76 38.70 3.41
CA LEU A 200 6.12 39.00 3.01
C LEU A 200 6.29 40.47 2.68
N ILE A 201 5.34 41.05 1.93
CA ILE A 201 5.46 42.44 1.52
C ILE A 201 5.41 43.36 2.74
N MET A 202 4.49 43.09 3.67
CA MET A 202 4.41 43.91 4.87
C MET A 202 5.67 43.79 5.71
N GLU A 203 6.22 42.58 5.82
CA GLU A 203 7.40 42.37 6.65
C GLU A 203 8.64 43.04 6.03
N GLN A 204 8.71 43.07 4.70
CA GLN A 204 9.92 43.54 4.03
C GLN A 204 9.87 45.02 3.68
N PHE A 205 8.74 45.53 3.20
CA PHE A 205 8.60 46.90 2.73
C PHE A 205 7.41 47.55 3.42
N PRO A 206 7.56 47.93 4.69
CA PRO A 206 6.42 48.56 5.39
C PRO A 206 5.95 49.85 4.73
N GLU A 207 6.86 50.65 4.18
CA GLU A 207 6.52 51.94 3.61
C GLU A 207 6.71 52.04 2.10
N THR A 208 7.62 51.26 1.53
CA THR A 208 7.91 51.31 0.10
C THR A 208 6.98 50.44 -0.73
N ALA A 209 6.03 49.74 -0.10
CA ALA A 209 5.19 48.80 -0.82
C ALA A 209 4.38 49.47 -1.92
N ALA A 210 4.15 50.78 -1.83
CA ALA A 210 3.39 51.48 -2.87
C ALA A 210 4.22 51.73 -4.12
N SER A 211 5.54 51.91 -3.97
CA SER A 211 6.37 52.29 -5.11
C SER A 211 6.67 51.09 -6.02
N ILE A 212 6.85 49.89 -5.45
CA ILE A 212 7.30 48.76 -6.24
C ILE A 212 6.32 48.49 -7.37
N VAL A 213 6.86 48.12 -8.54
CA VAL A 213 6.05 47.94 -9.74
C VAL A 213 6.37 46.61 -10.42
N SER A 214 7.49 45.99 -10.07
CA SER A 214 7.92 44.76 -10.72
C SER A 214 8.52 43.79 -9.70
N PHE A 215 8.15 42.51 -9.84
CA PHE A 215 8.63 41.44 -8.98
C PHE A 215 9.30 40.37 -9.83
N LYS A 216 10.46 39.90 -9.40
CA LYS A 216 11.18 38.81 -10.04
C LYS A 216 11.44 37.71 -9.03
N VAL A 217 10.98 36.50 -9.35
CA VAL A 217 11.13 35.34 -8.46
C VAL A 217 12.03 34.33 -9.16
N GLU A 218 13.13 33.97 -8.51
CA GLU A 218 14.05 33.01 -9.10
C GLU A 218 13.46 31.59 -9.04
N SER A 219 13.87 30.76 -10.00
CA SER A 219 13.26 29.45 -10.16
C SER A 219 13.45 28.57 -8.93
N ASP A 220 14.42 28.88 -8.07
CA ASP A 220 14.61 28.07 -6.87
C ASP A 220 13.40 28.13 -5.96
N VAL A 221 12.80 29.31 -5.82
CA VAL A 221 11.65 29.48 -4.94
C VAL A 221 10.45 28.74 -5.51
N VAL A 222 9.68 28.09 -4.64
CA VAL A 222 8.52 27.33 -5.06
C VAL A 222 7.23 27.73 -4.33
N SER A 223 7.32 28.36 -3.16
CA SER A 223 6.14 28.71 -2.40
C SER A 223 6.49 29.85 -1.44
N LEU A 224 5.46 30.36 -0.77
CA LEU A 224 5.60 31.41 0.22
C LEU A 224 4.97 30.99 1.55
N ASP A 225 5.23 29.74 1.95
CA ASP A 225 4.69 29.22 3.20
C ASP A 225 5.32 29.86 4.42
N GLY A 226 6.54 30.39 4.29
CA GLY A 226 7.28 30.90 5.43
C GLY A 226 8.30 29.94 6.01
N HIS A 227 8.50 28.79 5.39
CA HIS A 227 9.50 27.82 5.84
C HIS A 227 10.83 27.99 5.12
N ASP A 228 10.98 29.03 4.31
CA ASP A 228 12.20 29.29 3.57
C ASP A 228 12.71 30.69 3.89
N PHE A 229 14.02 30.87 3.76
CA PHE A 229 14.66 32.15 4.03
C PHE A 229 14.66 32.94 2.73
N LEU A 230 13.68 33.83 2.58
CA LEU A 230 13.46 34.55 1.32
C LEU A 230 14.03 35.96 1.43
N GLU A 231 15.22 36.16 0.86
CA GLU A 231 15.79 37.49 0.73
C GLU A 231 15.00 38.27 -0.33
N THR A 232 15.02 39.58 -0.20
CA THR A 232 14.27 40.46 -1.11
C THR A 232 15.16 41.66 -1.44
N ASP A 233 15.77 41.63 -2.62
CA ASP A 233 16.60 42.74 -3.07
C ASP A 233 15.73 43.80 -3.75
N ALA A 234 16.12 45.05 -3.58
CA ALA A 234 15.42 46.19 -4.17
C ALA A 234 16.42 47.03 -4.95
N GLU A 235 16.09 47.32 -6.20
CA GLU A 235 16.96 48.12 -7.06
C GLU A 235 16.17 49.27 -7.67
N ILE A 236 16.80 50.44 -7.75
CA ILE A 236 16.17 51.63 -8.31
C ILE A 236 16.45 51.65 -9.81
N GLY A 237 15.39 51.77 -10.60
CA GLY A 237 15.53 51.86 -12.04
C GLY A 237 15.83 53.27 -12.51
N ASP A 238 16.08 53.39 -13.81
CA ASP A 238 16.32 54.70 -14.39
C ASP A 238 15.09 55.60 -14.27
N ASP A 239 13.89 55.01 -14.33
CA ASP A 239 12.66 55.78 -14.21
C ASP A 239 12.42 56.30 -12.80
N GLY A 240 13.20 55.84 -11.81
CA GLY A 240 13.03 56.24 -10.44
C GLY A 240 12.14 55.33 -9.61
N LYS A 241 11.50 54.35 -10.23
CA LYS A 241 10.71 53.37 -9.49
C LYS A 241 11.62 52.30 -8.90
N LEU A 242 11.01 51.39 -8.14
CA LEU A 242 11.74 50.34 -7.45
C LEU A 242 11.32 48.97 -7.99
N HIS A 243 12.29 48.17 -8.39
CA HIS A 243 12.06 46.80 -8.82
C HIS A 243 12.58 45.85 -7.75
N VAL A 244 11.85 44.75 -7.52
CA VAL A 244 12.11 43.85 -6.42
C VAL A 244 12.42 42.47 -6.97
N THR A 245 13.38 41.80 -6.35
CA THR A 245 13.72 40.41 -6.68
C THR A 245 13.68 39.60 -5.39
N VAL A 246 12.73 38.68 -5.30
CA VAL A 246 12.58 37.80 -4.15
C VAL A 246 13.28 36.49 -4.47
N ARG A 247 14.31 36.16 -3.70
CA ARG A 247 15.17 35.01 -3.98
C ARG A 247 15.41 34.21 -2.71
N LYS A 248 15.41 32.88 -2.87
CA LYS A 248 15.69 32.02 -1.74
C LYS A 248 17.11 32.25 -1.23
N SER A 249 17.27 32.16 0.08
CA SER A 249 18.57 32.40 0.71
C SER A 249 19.31 31.09 0.95
N LYS A 511 -0.06 51.31 5.80
CA LYS A 511 -0.41 49.99 5.27
C LYS A 511 -1.02 50.12 3.88
N ASN A 512 -0.18 50.40 2.90
CA ASN A 512 -0.59 50.52 1.51
C ASN A 512 0.07 49.41 0.69
N MET A 513 -0.73 48.71 -0.10
CA MET A 513 -0.22 47.64 -0.93
C MET A 513 0.24 48.18 -2.27
N PRO A 514 1.07 47.43 -2.99
CA PRO A 514 1.45 47.83 -4.35
C PRO A 514 0.26 47.75 -5.28
N PRO A 515 0.38 48.26 -6.52
CA PRO A 515 -0.76 48.21 -7.44
C PRO A 515 -1.18 46.78 -7.73
N ALA A 516 -2.48 46.62 -8.02
CA ALA A 516 -3.04 45.27 -8.14
C ALA A 516 -2.39 44.48 -9.26
N SER A 517 -1.82 45.15 -10.26
CA SER A 517 -1.26 44.43 -11.40
C SER A 517 -0.04 43.61 -10.99
N VAL A 518 0.89 44.22 -10.26
CA VAL A 518 2.09 43.50 -9.87
C VAL A 518 1.76 42.37 -8.90
N MET A 519 0.81 42.61 -8.00
CA MET A 519 0.36 41.54 -7.09
C MET A 519 -0.24 40.39 -7.87
N THR A 520 -1.07 40.69 -8.86
CA THR A 520 -1.66 39.63 -9.67
C THR A 520 -0.58 38.84 -10.39
N ARG A 521 0.42 39.53 -10.94
CA ARG A 521 1.50 38.84 -11.64
C ARG A 521 2.25 37.91 -10.69
N LEU A 522 2.60 38.40 -9.50
CA LEU A 522 3.34 37.59 -8.55
C LEU A 522 2.53 36.37 -8.10
N ILE A 523 1.25 36.58 -7.80
CA ILE A 523 0.41 35.48 -7.35
C ILE A 523 0.26 34.45 -8.46
N LEU A 524 0.12 34.91 -9.70
CA LEU A 524 0.02 33.97 -10.81
C LEU A 524 1.29 33.14 -10.95
N ILE A 525 2.46 33.79 -10.86
CA ILE A 525 3.71 33.05 -10.97
C ILE A 525 3.78 31.96 -9.92
N MET A 526 3.50 32.31 -8.66
CA MET A 526 3.69 31.33 -7.59
C MET A 526 2.63 30.23 -7.63
N VAL A 527 1.39 30.58 -7.96
CA VAL A 527 0.36 29.57 -8.10
C VAL A 527 0.72 28.60 -9.23
N TRP A 528 1.25 29.13 -10.33
CA TRP A 528 1.69 28.25 -11.41
C TRP A 528 2.80 27.33 -10.95
N ARG A 529 3.77 27.85 -10.21
CA ARG A 529 4.88 27.01 -9.78
C ARG A 529 4.42 25.89 -8.87
N LYS A 530 3.46 26.17 -7.97
CA LYS A 530 2.97 25.08 -7.12
C LYS A 530 2.02 24.15 -7.86
N LEU A 531 1.40 24.62 -8.95
CA LEU A 531 0.38 23.80 -9.61
C LEU A 531 1.00 22.66 -10.39
N ILE A 532 2.20 22.85 -10.95
CA ILE A 532 2.82 21.83 -11.78
C ILE A 532 3.57 20.78 -10.99
N ARG A 533 3.72 20.96 -9.67
CA ARG A 533 4.34 19.96 -8.81
C ARG A 533 3.30 19.21 -7.99
N ASN A 534 2.04 19.23 -8.41
CA ASN A 534 0.94 18.64 -7.66
C ASN A 534 0.43 17.40 -8.39
N PRO A 535 0.54 16.20 -7.82
CA PRO A 535 0.06 15.01 -8.53
C PRO A 535 -1.42 15.08 -8.88
N ASN A 536 -2.23 15.71 -8.02
CA ASN A 536 -3.66 15.80 -8.29
C ASN A 536 -3.93 16.66 -9.52
N THR A 537 -3.11 17.69 -9.73
CA THR A 537 -3.25 18.51 -10.93
C THR A 537 -3.12 17.67 -12.20
N TYR A 538 -2.04 16.88 -12.28
CA TYR A 538 -1.84 16.05 -13.45
C TYR A 538 -2.95 15.01 -13.58
N SER A 539 -3.31 14.35 -12.49
CA SER A 539 -4.35 13.35 -12.57
C SER A 539 -5.65 13.95 -13.09
N SER A 540 -6.07 15.08 -12.52
CA SER A 540 -7.34 15.69 -12.91
C SER A 540 -7.30 16.15 -14.35
N LEU A 541 -6.24 16.85 -14.76
CA LEU A 541 -6.19 17.41 -16.10
C LEU A 541 -6.10 16.31 -17.16
N ILE A 542 -5.23 15.32 -16.94
CA ILE A 542 -5.09 14.24 -17.91
C ILE A 542 -6.37 13.40 -17.97
N GLY A 543 -7.00 13.17 -16.81
CA GLY A 543 -8.26 12.46 -16.83
C GLY A 543 -9.35 13.20 -17.56
N LEU A 544 -9.43 14.52 -17.36
CA LEU A 544 -10.44 15.31 -18.05
C LEU A 544 -10.21 15.32 -19.56
N ILE A 545 -8.96 15.51 -19.99
CA ILE A 545 -8.66 15.51 -21.42
C ILE A 545 -8.94 14.16 -22.03
N TRP A 546 -8.53 13.08 -21.35
CA TRP A 546 -8.80 11.74 -21.86
C TRP A 546 -10.29 11.48 -21.94
N ALA A 547 -11.05 11.91 -20.93
CA ALA A 547 -12.50 11.71 -20.96
C ALA A 547 -13.12 12.47 -22.12
N LEU A 548 -12.70 13.72 -22.35
CA LEU A 548 -13.23 14.48 -23.47
C LEU A 548 -12.96 13.74 -24.79
N VAL A 549 -11.71 13.35 -25.01
CA VAL A 549 -11.37 12.69 -26.27
C VAL A 549 -12.12 11.37 -26.41
N ALA A 550 -12.17 10.58 -25.32
CA ALA A 550 -12.74 9.24 -25.40
C ALA A 550 -14.24 9.28 -25.61
N PHE A 551 -14.94 10.17 -24.91
CA PHE A 551 -16.39 10.27 -25.08
C PHE A 551 -16.77 11.09 -26.30
N ARG A 552 -15.81 11.78 -26.93
CA ARG A 552 -16.06 12.45 -28.20
C ARG A 552 -15.87 11.52 -29.39
N TRP A 553 -14.83 10.69 -29.38
CA TRP A 553 -14.53 9.80 -30.48
C TRP A 553 -14.68 8.32 -30.12
N HIS A 554 -15.13 8.00 -28.91
CA HIS A 554 -15.38 6.63 -28.49
C HIS A 554 -14.12 5.78 -28.51
N VAL A 555 -12.97 6.41 -28.29
CA VAL A 555 -11.70 5.68 -28.23
C VAL A 555 -11.62 4.94 -26.90
N ALA A 556 -11.05 3.74 -26.93
CA ALA A 556 -10.87 2.91 -25.75
C ALA A 556 -9.39 2.69 -25.50
N MET A 557 -9.00 2.72 -24.23
CA MET A 557 -7.61 2.49 -23.87
C MET A 557 -7.22 1.04 -24.15
N PRO A 558 -5.98 0.79 -24.59
CA PRO A 558 -5.53 -0.60 -24.72
C PRO A 558 -5.50 -1.31 -23.37
N LYS A 559 -5.80 -2.61 -23.40
CA LYS A 559 -5.95 -3.36 -22.16
C LYS A 559 -4.67 -3.32 -21.33
N ILE A 560 -3.50 -3.28 -21.97
CA ILE A 560 -2.25 -3.34 -21.23
C ILE A 560 -2.07 -2.08 -20.38
N ILE A 561 -2.33 -0.90 -20.96
CA ILE A 561 -2.20 0.34 -20.21
C ILE A 561 -3.27 0.41 -19.12
N GLN A 562 -4.49 -0.02 -19.45
CA GLN A 562 -5.57 -0.02 -18.46
C GLN A 562 -5.21 -0.89 -17.27
N GLN A 563 -4.66 -2.08 -17.50
CA GLN A 563 -4.27 -2.95 -16.40
C GLN A 563 -3.09 -2.38 -15.63
N SER A 564 -2.15 -1.73 -16.33
CA SER A 564 -1.04 -1.10 -15.64
C SER A 564 -1.53 -0.03 -14.67
N ILE A 565 -2.58 0.71 -15.06
CA ILE A 565 -3.16 1.68 -14.14
C ILE A 565 -3.93 0.97 -13.02
N SER A 566 -4.72 -0.03 -13.36
CA SER A 566 -5.61 -0.66 -12.39
C SER A 566 -4.83 -1.37 -11.29
N ILE A 567 -3.68 -1.96 -11.63
CA ILE A 567 -2.94 -2.73 -10.63
C ILE A 567 -2.58 -1.84 -9.44
N LEU A 568 -2.36 -0.56 -9.67
CA LEU A 568 -2.07 0.37 -8.59
C LEU A 568 -3.30 1.12 -8.10
N SER A 569 -4.32 1.27 -8.94
CA SER A 569 -5.55 1.91 -8.50
C SER A 569 -6.33 1.05 -7.53
N ASP A 570 -6.20 -0.28 -7.64
CA ASP A 570 -6.97 -1.19 -6.78
C ASP A 570 -6.62 -1.06 -5.31
N ALA A 571 -5.43 -0.54 -4.99
CA ALA A 571 -5.03 -0.35 -3.60
C ALA A 571 -5.57 0.96 -3.01
N GLY A 572 -6.21 1.79 -3.81
CA GLY A 572 -6.55 3.15 -3.43
C GLY A 572 -7.38 3.30 -2.18
N LEU A 573 -8.62 2.78 -2.20
CA LEU A 573 -9.54 3.01 -1.09
C LEU A 573 -9.00 2.40 0.21
N GLY A 574 -8.50 1.16 0.12
CA GLY A 574 -7.97 0.51 1.31
C GLY A 574 -6.78 1.26 1.89
N MET A 575 -5.85 1.68 1.04
CA MET A 575 -4.68 2.39 1.55
C MET A 575 -5.05 3.77 2.07
N ALA A 576 -6.05 4.42 1.48
CA ALA A 576 -6.50 5.71 2.00
C ALA A 576 -7.10 5.56 3.39
N MET A 577 -7.93 4.53 3.61
CA MET A 577 -8.47 4.31 4.95
C MET A 577 -7.37 3.94 5.92
N PHE A 578 -6.40 3.14 5.48
CA PHE A 578 -5.27 2.80 6.34
C PHE A 578 -4.47 4.05 6.72
N SER A 579 -4.28 4.96 5.78
CA SER A 579 -3.56 6.19 6.06
C SER A 579 -4.34 7.08 7.03
N LEU A 580 -5.66 7.14 6.88
CA LEU A 580 -6.48 7.88 7.84
C LEU A 580 -6.36 7.28 9.24
N GLY A 581 -6.35 5.95 9.34
CA GLY A 581 -6.14 5.32 10.63
C GLY A 581 -4.77 5.64 11.20
N LEU A 582 -3.74 5.68 10.36
CA LEU A 582 -2.41 6.06 10.84
C LEU A 582 -2.40 7.50 11.35
N PHE A 583 -3.06 8.41 10.62
CA PHE A 583 -3.14 9.79 11.09
C PHE A 583 -3.86 9.87 12.43
N MET A 584 -4.94 9.10 12.59
CA MET A 584 -5.63 9.04 13.87
C MET A 584 -4.72 8.55 14.98
N ALA A 585 -3.91 7.52 14.71
CA ALA A 585 -3.07 6.96 15.75
C ALA A 585 -1.89 7.86 16.10
N LEU A 586 -1.43 8.68 15.15
CA LEU A 586 -0.20 9.45 15.38
C LEU A 586 -0.45 10.65 16.30
N GLN A 587 -1.64 11.23 16.26
CA GLN A 587 -1.88 12.44 17.04
C GLN A 587 -2.04 12.10 18.53
N PRO A 588 -1.78 13.07 19.41
CA PRO A 588 -1.85 12.76 20.85
C PRO A 588 -3.26 12.58 21.38
N LYS A 589 -4.19 13.46 21.00
CA LYS A 589 -5.56 13.42 21.48
C LYS A 589 -6.52 13.37 20.31
N LEU A 590 -7.62 12.63 20.50
CA LEU A 590 -8.67 12.58 19.48
C LEU A 590 -9.33 13.94 19.29
N ILE A 591 -9.39 14.75 20.35
CA ILE A 591 -9.88 16.12 20.29
C ILE A 591 -8.71 17.03 20.67
N ALA A 592 -8.41 18.01 19.81
CA ALA A 592 -7.24 18.86 19.98
C ALA A 592 -7.58 20.31 20.31
N CYS A 593 -8.58 20.89 19.64
CA CYS A 593 -8.82 22.32 19.77
C CYS A 593 -9.47 22.67 21.11
N GLY A 594 -10.20 21.73 21.71
CA GLY A 594 -10.87 21.96 22.98
C GLY A 594 -12.36 21.67 22.87
N ASN A 595 -13.01 21.73 24.03
CA ASN A 595 -14.43 21.37 24.10
C ASN A 595 -15.29 22.38 23.33
N SER A 596 -15.13 23.67 23.62
CA SER A 596 -15.99 24.67 23.00
C SER A 596 -15.63 24.87 21.53
N VAL A 597 -14.34 24.95 21.22
CA VAL A 597 -13.94 25.13 19.83
C VAL A 597 -14.31 23.91 19.00
N ALA A 598 -14.13 22.71 19.54
CA ALA A 598 -14.54 21.50 18.83
C ALA A 598 -16.04 21.49 18.62
N THR A 599 -16.80 21.88 19.63
CA THR A 599 -18.25 21.94 19.48
C THR A 599 -18.63 22.90 18.36
N PHE A 600 -18.01 24.07 18.34
CA PHE A 600 -18.30 25.06 17.29
C PHE A 600 -17.93 24.52 15.91
N ALA A 601 -16.77 23.88 15.78
CA ALA A 601 -16.35 23.35 14.49
C ALA A 601 -17.29 22.27 14.00
N MET A 602 -17.66 21.33 14.88
CA MET A 602 -18.59 20.28 14.50
C MET A 602 -19.96 20.87 14.15
N ALA A 603 -20.42 21.85 14.92
CA ALA A 603 -21.70 22.48 14.63
C ALA A 603 -21.68 23.12 13.25
N VAL A 604 -20.63 23.89 12.94
CA VAL A 604 -20.50 24.46 11.61
C VAL A 604 -20.58 23.35 10.56
N ARG A 605 -19.64 22.40 10.62
CA ARG A 605 -19.54 21.36 9.61
C ARG A 605 -20.87 20.66 9.38
N PHE A 606 -21.58 20.29 10.45
CA PHE A 606 -22.70 19.38 10.33
C PHE A 606 -24.07 20.07 10.37
N LEU A 607 -24.12 21.39 10.57
CA LEU A 607 -25.38 22.12 10.50
C LEU A 607 -25.36 23.24 9.46
N THR A 608 -24.33 24.08 9.46
CA THR A 608 -24.34 25.24 8.57
C THR A 608 -24.22 24.82 7.11
N GLY A 609 -23.31 23.89 6.81
CA GLY A 609 -23.14 23.42 5.46
C GLY A 609 -24.44 22.86 4.91
N PRO A 610 -25.04 21.93 5.66
CA PRO A 610 -26.37 21.44 5.25
C PRO A 610 -27.42 22.53 5.14
N ALA A 611 -27.43 23.51 6.06
CA ALA A 611 -28.45 24.56 6.01
C ALA A 611 -28.24 25.49 4.82
N VAL A 612 -27.00 25.91 4.57
CA VAL A 612 -26.73 26.76 3.42
C VAL A 612 -27.00 26.01 2.13
N MET A 613 -26.64 24.72 2.08
CA MET A 613 -26.98 23.91 0.92
C MET A 613 -28.48 23.82 0.72
N ALA A 614 -29.24 23.69 1.81
CA ALA A 614 -30.69 23.63 1.68
C ALA A 614 -31.23 24.93 1.10
N VAL A 615 -30.75 26.07 1.60
CA VAL A 615 -31.21 27.35 1.09
C VAL A 615 -30.87 27.49 -0.39
N ALA A 616 -29.63 27.17 -0.75
CA ALA A 616 -29.20 27.31 -2.14
C ALA A 616 -29.96 26.37 -3.06
N ALA A 617 -30.19 25.13 -2.61
CA ALA A 617 -30.87 24.15 -3.44
C ALA A 617 -32.34 24.49 -3.61
N ILE A 618 -32.97 25.08 -2.58
CA ILE A 618 -34.34 25.52 -2.72
C ILE A 618 -34.42 26.73 -3.65
N ALA A 619 -33.46 27.64 -3.54
CA ALA A 619 -33.44 28.80 -4.43
C ALA A 619 -33.27 28.38 -5.88
N ILE A 620 -32.32 27.48 -6.14
CA ILE A 620 -32.10 27.00 -7.50
C ILE A 620 -33.35 26.30 -8.03
N GLY A 621 -33.95 25.44 -7.20
CA GLY A 621 -35.14 24.72 -7.60
C GLY A 621 -34.97 23.22 -7.52
N LEU A 622 -33.99 22.77 -6.73
CA LEU A 622 -33.78 21.33 -6.54
C LEU A 622 -34.93 20.74 -5.73
N ARG A 623 -35.36 19.54 -6.14
CA ARG A 623 -36.43 18.83 -5.46
C ARG A 623 -36.11 17.33 -5.48
N GLY A 624 -37.09 16.54 -5.07
CA GLY A 624 -36.95 15.09 -5.17
C GLY A 624 -35.75 14.58 -4.41
N ASP A 625 -35.00 13.67 -5.04
CA ASP A 625 -33.86 13.03 -4.40
C ASP A 625 -32.56 13.78 -4.63
N LEU A 626 -32.50 14.64 -5.65
CA LEU A 626 -31.31 15.46 -5.84
C LEU A 626 -31.07 16.36 -4.63
N LEU A 627 -32.15 16.91 -4.06
CA LEU A 627 -32.02 17.74 -2.87
C LEU A 627 -31.46 16.95 -1.69
N ARG A 628 -31.97 15.73 -1.48
CA ARG A 628 -31.46 14.89 -0.40
C ARG A 628 -29.99 14.55 -0.62
N VAL A 629 -29.62 14.23 -1.87
CA VAL A 629 -28.22 13.94 -2.17
C VAL A 629 -27.35 15.15 -1.84
N ALA A 630 -27.79 16.34 -2.25
CA ALA A 630 -27.01 17.54 -2.00
C ALA A 630 -26.83 17.78 -0.51
N ILE A 631 -27.92 17.63 0.27
CA ILE A 631 -27.84 17.90 1.70
C ILE A 631 -26.94 16.88 2.39
N VAL A 632 -27.14 15.60 2.11
CA VAL A 632 -26.34 14.56 2.77
C VAL A 632 -24.88 14.69 2.37
N GLN A 633 -24.62 15.06 1.11
CA GLN A 633 -23.24 15.34 0.69
C GLN A 633 -22.66 16.50 1.47
N ALA A 634 -23.45 17.56 1.68
CA ALA A 634 -22.98 18.69 2.48
C ALA A 634 -22.71 18.29 3.93
N ALA A 635 -23.37 17.26 4.42
CA ALA A 635 -23.20 16.80 5.80
C ALA A 635 -22.07 15.80 5.95
N LEU A 636 -21.20 15.66 4.96
CA LEU A 636 -20.09 14.73 5.03
C LEU A 636 -18.96 15.29 5.90
N PRO A 637 -18.03 14.44 6.32
CA PRO A 637 -16.88 14.94 7.10
C PRO A 637 -15.92 15.74 6.24
N GLN A 638 -15.08 16.50 6.92
CA GLN A 638 -14.28 17.53 6.25
C GLN A 638 -13.15 16.88 5.46
N GLY A 639 -12.80 17.51 4.33
CA GLY A 639 -11.88 16.91 3.38
C GLY A 639 -10.44 16.97 3.84
N ILE A 640 -9.62 16.12 3.21
CA ILE A 640 -8.22 16.00 3.58
C ILE A 640 -7.34 17.05 2.92
N VAL A 641 -7.66 17.47 1.69
CA VAL A 641 -6.83 18.46 1.01
C VAL A 641 -6.79 19.80 1.75
N PRO A 642 -7.91 20.36 2.21
CA PRO A 642 -7.81 21.58 3.01
C PRO A 642 -7.03 21.38 4.29
N PHE A 643 -7.08 20.18 4.89
CA PHE A 643 -6.27 19.90 6.06
C PHE A 643 -4.78 19.89 5.72
N VAL A 644 -4.42 19.34 4.56
CA VAL A 644 -3.04 19.40 4.09
C VAL A 644 -2.60 20.84 3.89
N PHE A 645 -3.47 21.66 3.28
CA PHE A 645 -3.14 23.06 3.09
C PHE A 645 -2.96 23.78 4.42
N ALA A 646 -3.83 23.48 5.40
CA ALA A 646 -3.72 24.09 6.71
C ALA A 646 -2.41 23.69 7.38
N LYS A 647 -1.99 22.44 7.24
CA LYS A 647 -0.67 22.04 7.71
C LYS A 647 0.41 22.87 7.03
N GLU A 648 0.33 22.99 5.71
CA GLU A 648 1.40 23.64 4.95
C GLU A 648 1.54 25.12 5.35
N TYR A 649 0.42 25.81 5.50
CA TYR A 649 0.42 27.25 5.78
C TYR A 649 0.16 27.58 7.24
N ASN A 650 -0.11 26.59 8.07
CA ASN A 650 -0.35 26.80 9.50
C ASN A 650 -1.46 27.84 9.71
N VAL A 651 -2.66 27.49 9.25
CA VAL A 651 -3.85 28.32 9.42
C VAL A 651 -4.90 27.43 10.09
N HIS A 652 -4.97 27.50 11.42
CA HIS A 652 -5.91 26.73 12.21
C HIS A 652 -5.90 25.24 11.83
N PRO A 653 -4.71 24.62 11.80
CA PRO A 653 -4.67 23.19 11.43
C PRO A 653 -5.37 22.28 12.42
N ALA A 654 -5.43 22.65 13.71
CA ALA A 654 -6.04 21.77 14.71
C ALA A 654 -7.53 21.61 14.47
N ILE A 655 -8.22 22.69 14.10
CA ILE A 655 -9.65 22.60 13.82
C ILE A 655 -9.90 21.69 12.63
N LEU A 656 -9.09 21.82 11.59
CA LEU A 656 -9.23 20.94 10.43
C LEU A 656 -8.92 19.49 10.78
N SER A 657 -7.95 19.27 11.66
CA SER A 657 -7.62 17.91 12.11
C SER A 657 -8.81 17.30 12.85
N THR A 658 -9.37 18.05 13.80
CA THR A 658 -10.56 17.59 14.50
C THR A 658 -11.67 17.29 13.50
N GLY A 659 -11.92 18.21 12.58
CA GLY A 659 -12.87 17.97 11.51
C GLY A 659 -12.65 16.61 10.89
N VAL A 660 -11.53 16.44 10.18
CA VAL A 660 -11.31 15.20 9.43
C VAL A 660 -11.51 13.98 10.34
N ILE A 661 -10.74 13.89 11.43
CA ILE A 661 -10.70 12.63 12.18
C ILE A 661 -12.00 12.42 12.96
N PHE A 662 -12.35 13.36 13.84
CA PHE A 662 -13.52 13.18 14.68
C PHE A 662 -14.80 13.08 13.83
N GLY A 663 -14.92 13.91 12.79
CA GLY A 663 -16.06 13.80 11.90
C GLY A 663 -16.10 12.49 11.15
N MET A 664 -14.95 11.93 10.80
CA MET A 664 -14.96 10.59 10.23
C MET A 664 -15.51 9.59 11.22
N LEU A 665 -15.15 9.74 12.50
CA LEU A 665 -15.67 8.83 13.52
C LEU A 665 -17.18 8.98 13.70
N ILE A 666 -17.68 10.22 13.71
CA ILE A 666 -19.07 10.47 14.10
C ILE A 666 -19.98 10.75 12.90
N ALA A 667 -19.49 10.58 11.68
CA ALA A 667 -20.31 10.86 10.51
C ALA A 667 -21.31 9.75 10.24
N LEU A 668 -20.99 8.51 10.61
CA LEU A 668 -21.95 7.44 10.41
C LEU A 668 -23.25 7.69 11.17
N PRO A 669 -23.25 7.99 12.46
CA PRO A 669 -24.53 8.34 13.11
C PRO A 669 -25.15 9.61 12.59
N ILE A 670 -24.37 10.67 12.41
CA ILE A 670 -24.94 11.94 11.95
C ILE A 670 -25.49 11.80 10.54
N THR A 671 -24.74 11.15 9.65
CA THR A 671 -25.20 11.00 8.28
C THR A 671 -26.39 10.05 8.20
N LEU A 672 -26.43 9.03 9.06
CA LEU A 672 -27.60 8.16 9.09
C LEU A 672 -28.83 8.91 9.63
N VAL A 673 -28.63 9.82 10.58
CA VAL A 673 -29.74 10.62 11.07
C VAL A 673 -30.28 11.52 9.97
N TYR A 674 -29.37 12.15 9.21
CA TYR A 674 -29.81 12.95 8.07
C TYR A 674 -30.57 12.07 7.06
N TYR A 675 -30.03 10.89 6.77
CA TYR A 675 -30.70 9.96 5.87
C TYR A 675 -32.11 9.65 6.33
N ILE A 676 -32.28 9.34 7.62
CA ILE A 676 -33.59 8.95 8.13
C ILE A 676 -34.55 10.13 8.09
N LEU A 677 -34.12 11.29 8.61
CA LEU A 677 -35.01 12.45 8.66
C LEU A 677 -35.43 12.89 7.26
N LEU A 678 -34.49 12.91 6.31
CA LEU A 678 -34.85 13.25 4.94
C LEU A 678 -35.68 12.18 4.26
N GLY A 679 -35.56 10.93 4.70
CA GLY A 679 -36.26 9.84 4.04
C GLY A 679 -37.74 9.74 4.34
N LEU A 680 -38.23 10.41 5.38
CA LEU A 680 -39.64 10.37 5.71
C LEU A 680 -40.46 11.07 4.63
N SER B 43 2.17 -18.59 -32.05
CA SER B 43 1.16 -17.59 -32.34
C SER B 43 1.53 -16.25 -31.70
N TRP B 44 0.98 -15.17 -32.25
CA TRP B 44 1.27 -13.83 -31.72
C TRP B 44 0.20 -13.37 -30.75
N HIS B 45 -1.03 -13.85 -30.89
CA HIS B 45 -2.08 -13.51 -29.93
C HIS B 45 -1.75 -14.06 -28.55
N ASP B 46 -1.23 -15.29 -28.48
CA ASP B 46 -0.85 -15.86 -27.20
C ASP B 46 0.26 -15.06 -26.55
N LEU B 47 1.26 -14.67 -27.33
CA LEU B 47 2.35 -13.86 -26.79
C LEU B 47 1.82 -12.51 -26.29
N TYR B 48 0.90 -11.91 -27.05
CA TYR B 48 0.32 -10.63 -26.61
C TYR B 48 -0.47 -10.81 -25.32
N THR B 49 -1.20 -11.90 -25.18
CA THR B 49 -1.95 -12.14 -23.95
C THR B 49 -1.02 -12.33 -22.75
N VAL B 50 0.05 -13.11 -22.94
CA VAL B 50 1.01 -13.28 -21.85
C VAL B 50 1.63 -11.95 -21.48
N LEU B 51 1.99 -11.13 -22.49
CA LEU B 51 2.56 -9.82 -22.21
C LEU B 51 1.57 -8.92 -21.50
N THR B 52 0.30 -8.97 -21.89
CA THR B 52 -0.71 -8.17 -21.20
C THR B 52 -0.80 -8.56 -19.74
N ALA B 53 -0.76 -9.87 -19.46
CA ALA B 53 -0.84 -10.34 -18.08
C ALA B 53 0.39 -9.93 -17.28
N VAL B 54 1.56 -9.96 -17.89
CA VAL B 54 2.82 -9.88 -17.14
C VAL B 54 3.37 -8.46 -17.06
N ILE B 55 3.11 -7.64 -18.08
CA ILE B 55 3.75 -6.33 -18.16
C ILE B 55 3.36 -5.41 -17.00
N PRO B 56 2.09 -5.29 -16.60
CA PRO B 56 1.78 -4.36 -15.51
C PRO B 56 2.51 -4.66 -14.21
N LEU B 57 2.80 -5.93 -13.92
CA LEU B 57 3.63 -6.23 -12.75
C LEU B 57 5.00 -5.60 -12.89
N TYR B 58 5.61 -5.70 -14.07
CA TYR B 58 6.90 -5.05 -14.31
C TYR B 58 6.78 -3.55 -14.31
N VAL B 59 5.63 -3.01 -14.73
CA VAL B 59 5.43 -1.57 -14.70
C VAL B 59 5.43 -1.07 -13.26
N ALA B 60 4.74 -1.77 -12.38
CA ALA B 60 4.76 -1.41 -10.96
C ALA B 60 6.18 -1.55 -10.38
N MET B 61 6.86 -2.64 -10.75
CA MET B 61 8.22 -2.84 -10.26
C MET B 61 9.14 -1.70 -10.69
N ILE B 62 9.02 -1.26 -11.94
CA ILE B 62 9.91 -0.22 -12.46
C ILE B 62 9.48 1.15 -11.96
N LEU B 63 8.20 1.36 -11.67
CA LEU B 63 7.79 2.59 -10.99
C LEU B 63 8.44 2.69 -9.62
N ALA B 64 8.42 1.60 -8.85
CA ALA B 64 9.10 1.62 -7.55
C ALA B 64 10.60 1.85 -7.72
N TYR B 65 11.20 1.17 -8.71
CA TYR B 65 12.64 1.32 -8.95
C TYR B 65 13.00 2.76 -9.29
N GLY B 66 12.22 3.38 -10.19
CA GLY B 66 12.49 4.75 -10.57
C GLY B 66 12.22 5.73 -9.44
N SER B 67 11.19 5.49 -8.64
CA SER B 67 10.91 6.34 -7.51
C SER B 67 12.07 6.36 -6.53
N VAL B 68 12.68 5.20 -6.28
CA VAL B 68 13.80 5.17 -5.34
C VAL B 68 15.09 5.64 -6.00
N ARG B 69 15.29 5.38 -7.29
CA ARG B 69 16.58 5.51 -7.94
C ARG B 69 16.71 6.75 -8.82
N TRP B 70 15.70 7.05 -9.64
CA TRP B 70 15.79 8.16 -10.59
C TRP B 70 15.24 9.47 -10.02
N TRP B 71 14.02 9.44 -9.46
CA TRP B 71 13.39 10.66 -8.96
C TRP B 71 13.51 10.82 -7.46
N LYS B 72 13.92 9.77 -6.73
CA LYS B 72 14.21 9.86 -5.30
C LYS B 72 12.99 10.37 -4.53
N ILE B 73 11.93 9.57 -4.54
CA ILE B 73 10.70 9.94 -3.86
C ILE B 73 10.64 9.38 -2.43
N PHE B 74 11.26 8.23 -2.19
CA PHE B 74 11.17 7.53 -0.91
C PHE B 74 12.56 7.40 -0.30
N SER B 75 12.61 7.48 1.03
CA SER B 75 13.81 7.21 1.80
C SER B 75 13.91 5.73 2.14
N PRO B 76 15.09 5.26 2.57
CA PRO B 76 15.18 3.86 2.99
C PRO B 76 14.21 3.47 4.10
N ASP B 77 13.97 4.38 5.06
CA ASP B 77 13.03 4.07 6.14
C ASP B 77 11.60 3.98 5.63
N GLN B 78 11.20 4.89 4.74
CA GLN B 78 9.88 4.80 4.14
C GLN B 78 9.74 3.55 3.29
N CYS B 79 10.82 3.17 2.60
CA CYS B 79 10.82 1.92 1.85
C CYS B 79 10.61 0.74 2.79
N SER B 80 11.29 0.74 3.94
CA SER B 80 11.12 -0.34 4.91
C SER B 80 9.70 -0.37 5.43
N GLY B 81 9.09 0.80 5.65
CA GLY B 81 7.71 0.83 6.09
C GLY B 81 6.76 0.22 5.09
N ILE B 82 6.92 0.59 3.81
CA ILE B 82 6.07 0.01 2.77
C ILE B 82 6.28 -1.49 2.68
N ASN B 83 7.54 -1.94 2.75
CA ASN B 83 7.84 -3.37 2.63
C ASN B 83 7.28 -4.15 3.81
N ARG B 84 7.38 -3.60 5.02
CA ARG B 84 6.81 -4.27 6.18
C ARG B 84 5.30 -4.32 6.10
N PHE B 85 4.66 -3.24 5.64
CA PHE B 85 3.21 -3.32 5.44
C PHE B 85 2.88 -4.44 4.47
N VAL B 86 3.61 -4.52 3.36
CA VAL B 86 3.33 -5.57 2.37
C VAL B 86 3.43 -6.94 3.02
N ALA B 87 4.55 -7.21 3.69
CA ALA B 87 4.78 -8.54 4.26
C ALA B 87 3.74 -8.87 5.33
N ILE B 88 3.41 -7.91 6.20
CA ILE B 88 2.53 -8.21 7.34
C ILE B 88 1.09 -8.37 6.88
N PHE B 89 0.62 -7.52 5.97
CA PHE B 89 -0.80 -7.44 5.66
C PHE B 89 -1.14 -7.94 4.25
N ALA B 90 -0.44 -7.46 3.22
CA ALA B 90 -0.95 -7.61 1.87
C ALA B 90 -0.75 -9.02 1.35
N VAL B 91 0.47 -9.55 1.46
CA VAL B 91 0.72 -10.92 1.00
C VAL B 91 -0.04 -11.95 1.82
N PRO B 92 -0.04 -11.89 3.16
CA PRO B 92 -0.86 -12.86 3.92
C PRO B 92 -2.34 -12.82 3.57
N LEU B 93 -2.91 -11.63 3.36
CA LEU B 93 -4.32 -11.56 3.01
C LEU B 93 -4.57 -12.08 1.61
N LEU B 94 -3.61 -11.86 0.70
CA LEU B 94 -3.70 -12.46 -0.62
C LEU B 94 -3.67 -13.99 -0.53
N SER B 95 -2.81 -14.52 0.34
CA SER B 95 -2.75 -15.96 0.55
C SER B 95 -4.07 -16.48 1.09
N PHE B 96 -4.64 -15.78 2.08
CA PHE B 96 -5.93 -16.20 2.62
C PHE B 96 -7.01 -16.16 1.55
N HIS B 97 -6.99 -15.13 0.70
CA HIS B 97 -7.96 -15.03 -0.38
C HIS B 97 -7.85 -16.19 -1.35
N PHE B 98 -6.62 -16.57 -1.71
CA PHE B 98 -6.43 -17.64 -2.68
C PHE B 98 -6.74 -19.01 -2.08
N ILE B 99 -6.23 -19.28 -0.87
CA ILE B 99 -6.39 -20.60 -0.27
C ILE B 99 -7.83 -20.83 0.16
N SER B 100 -8.45 -19.84 0.79
CA SER B 100 -9.80 -20.01 1.31
C SER B 100 -10.84 -20.17 0.21
N THR B 101 -10.48 -19.92 -1.04
CA THR B 101 -11.39 -20.04 -2.17
C THR B 101 -11.17 -21.32 -2.98
N ASN B 102 -10.13 -22.09 -2.68
CA ASN B 102 -9.80 -23.28 -3.45
C ASN B 102 -10.30 -24.52 -2.72
N ASN B 103 -11.04 -25.36 -3.44
CA ASN B 103 -11.62 -26.56 -2.85
C ASN B 103 -10.52 -27.56 -2.52
N PRO B 104 -10.35 -27.98 -1.26
CA PRO B 104 -9.29 -28.94 -0.94
C PRO B 104 -9.70 -30.39 -1.12
N TYR B 105 -10.96 -30.67 -1.47
CA TYR B 105 -11.42 -32.02 -1.74
C TYR B 105 -11.25 -32.42 -3.20
N ALA B 106 -10.81 -31.51 -4.07
CA ALA B 106 -10.69 -31.77 -5.49
C ALA B 106 -9.26 -31.55 -5.99
N MET B 107 -8.28 -31.79 -5.12
CA MET B 107 -6.89 -31.63 -5.51
C MET B 107 -6.46 -32.75 -6.45
N ASN B 108 -5.42 -32.47 -7.24
CA ASN B 108 -4.87 -33.45 -8.17
C ASN B 108 -3.74 -34.20 -7.49
N LEU B 109 -3.89 -35.51 -7.35
CA LEU B 109 -2.92 -36.30 -6.58
C LEU B 109 -1.64 -36.53 -7.35
N ARG B 110 -1.71 -36.72 -8.67
CA ARG B 110 -0.51 -36.95 -9.46
C ARG B 110 0.37 -35.71 -9.50
N PHE B 111 -0.25 -34.53 -9.62
CA PHE B 111 0.53 -33.28 -9.62
C PHE B 111 1.24 -33.10 -8.29
N ILE B 112 0.54 -33.35 -7.18
CA ILE B 112 1.14 -33.27 -5.86
C ILE B 112 2.28 -34.27 -5.74
N ALA B 113 2.05 -35.49 -6.24
CA ALA B 113 3.08 -36.53 -6.15
C ALA B 113 4.32 -36.15 -6.95
N ALA B 114 4.14 -35.54 -8.12
CA ALA B 114 5.30 -35.12 -8.92
C ALA B 114 6.06 -34.00 -8.22
N ASP B 115 5.33 -33.00 -7.71
CA ASP B 115 6.00 -31.92 -6.99
C ASP B 115 6.72 -32.42 -5.75
N THR B 116 6.19 -33.46 -5.11
CA THR B 116 6.85 -34.05 -3.94
C THR B 116 8.05 -34.89 -4.36
N LEU B 117 7.93 -35.63 -5.46
CA LEU B 117 9.00 -36.51 -5.90
C LEU B 117 10.21 -35.72 -6.40
N GLN B 118 9.98 -34.56 -7.01
CA GLN B 118 11.11 -33.70 -7.35
C GLN B 118 11.97 -33.43 -6.12
N LYS B 119 11.33 -32.99 -5.04
CA LYS B 119 12.06 -32.63 -3.84
C LYS B 119 12.64 -33.86 -3.14
N ILE B 120 11.95 -35.00 -3.21
CA ILE B 120 12.50 -36.24 -2.66
C ILE B 120 13.77 -36.62 -3.41
N ILE B 121 13.74 -36.52 -4.74
CA ILE B 121 14.93 -36.84 -5.53
C ILE B 121 16.08 -35.91 -5.16
N MET B 122 15.79 -34.61 -5.09
CA MET B 122 16.85 -33.64 -4.79
C MET B 122 17.42 -33.88 -3.39
N LEU B 123 16.54 -34.16 -2.42
CA LEU B 123 17.02 -34.39 -1.06
C LEU B 123 17.83 -35.68 -0.96
N SER B 124 17.43 -36.72 -1.68
CA SER B 124 18.21 -37.95 -1.69
C SER B 124 19.60 -37.70 -2.27
N LEU B 125 19.66 -37.00 -3.40
CA LEU B 125 20.95 -36.68 -4.00
C LEU B 125 21.81 -35.85 -3.05
N LEU B 126 21.20 -34.88 -2.38
CA LEU B 126 21.96 -33.99 -1.51
C LEU B 126 22.44 -34.72 -0.26
N VAL B 127 21.63 -35.63 0.28
CA VAL B 127 22.09 -36.44 1.42
C VAL B 127 23.26 -37.31 1.01
N LEU B 128 23.14 -37.98 -0.14
CA LEU B 128 24.25 -38.80 -0.62
C LEU B 128 25.51 -37.98 -0.77
N TRP B 129 25.42 -36.83 -1.44
CA TRP B 129 26.59 -36.00 -1.64
C TRP B 129 27.17 -35.49 -0.33
N ALA B 130 26.30 -35.06 0.59
CA ALA B 130 26.77 -34.44 1.82
C ALA B 130 27.45 -35.45 2.74
N ASN B 131 26.94 -36.68 2.76
CA ASN B 131 27.49 -37.66 3.70
C ASN B 131 28.66 -38.44 3.10
N PHE B 132 28.62 -38.73 1.80
CA PHE B 132 29.60 -39.60 1.17
C PHE B 132 30.62 -38.84 0.33
N THR B 133 30.64 -37.50 0.40
CA THR B 133 31.62 -36.68 -0.30
C THR B 133 32.19 -35.66 0.69
N ARG B 134 33.52 -35.56 0.73
CA ARG B 134 34.14 -34.63 1.67
C ARG B 134 33.81 -33.19 1.33
N SER B 135 33.48 -32.90 0.07
CA SER B 135 33.14 -31.54 -0.33
C SER B 135 31.73 -31.13 0.10
N GLY B 136 30.94 -32.06 0.65
CA GLY B 136 29.56 -31.75 0.97
C GLY B 136 29.43 -30.91 2.23
N SER B 137 28.28 -30.25 2.34
CA SER B 137 27.96 -29.43 3.50
C SER B 137 26.45 -29.24 3.58
N LEU B 138 25.97 -28.93 4.78
CA LEU B 138 24.54 -28.75 4.99
C LEU B 138 24.04 -27.43 4.43
N GLU B 139 24.82 -26.35 4.59
CA GLU B 139 24.39 -25.05 4.11
C GLU B 139 24.23 -25.04 2.59
N TRP B 140 25.20 -25.62 1.87
CA TRP B 140 25.08 -25.71 0.43
C TRP B 140 23.91 -26.60 0.03
N SER B 141 23.64 -27.65 0.80
CA SER B 141 22.48 -28.50 0.51
C SER B 141 21.20 -27.71 0.62
N ILE B 142 21.06 -26.90 1.68
CA ILE B 142 19.86 -26.08 1.85
C ILE B 142 19.73 -25.08 0.70
N THR B 143 20.85 -24.42 0.36
CA THR B 143 20.80 -23.42 -0.70
C THR B 143 20.42 -24.04 -2.03
N ILE B 144 21.00 -25.20 -2.35
CA ILE B 144 20.68 -25.86 -3.61
C ILE B 144 19.23 -26.33 -3.63
N PHE B 145 18.75 -26.88 -2.52
CA PHE B 145 17.36 -27.29 -2.45
C PHE B 145 16.42 -26.12 -2.70
N SER B 146 16.70 -24.97 -2.05
CA SER B 146 15.85 -23.81 -2.24
C SER B 146 15.92 -23.29 -3.67
N LEU B 147 17.12 -23.22 -4.25
CA LEU B 147 17.27 -22.73 -5.61
C LEU B 147 16.54 -23.63 -6.60
N SER B 148 16.61 -24.94 -6.40
CA SER B 148 16.11 -25.88 -7.39
C SER B 148 14.66 -26.30 -7.17
N THR B 149 14.04 -25.95 -6.04
CA THR B 149 12.72 -26.48 -5.73
C THR B 149 11.65 -25.45 -5.40
N LEU B 150 12.00 -24.24 -4.97
CA LEU B 150 11.06 -23.32 -4.32
C LEU B 150 11.00 -21.99 -5.06
N PRO B 151 10.21 -21.90 -6.12
CA PRO B 151 10.13 -20.66 -6.91
C PRO B 151 9.10 -19.68 -6.33
N ASN B 152 8.94 -18.54 -7.02
CA ASN B 152 7.98 -17.53 -6.63
C ASN B 152 6.71 -18.00 -7.31
N THR B 153 5.78 -18.47 -6.51
CA THR B 153 4.58 -19.12 -7.01
C THR B 153 3.30 -18.36 -6.72
N LEU B 154 3.23 -17.62 -5.60
CA LEU B 154 1.99 -16.96 -5.23
C LEU B 154 1.77 -15.70 -6.06
N VAL B 155 2.78 -14.84 -6.15
CA VAL B 155 2.56 -13.50 -6.68
C VAL B 155 2.50 -13.51 -8.20
N MET B 156 3.57 -13.93 -8.86
CA MET B 156 3.61 -13.91 -10.32
C MET B 156 3.27 -15.25 -10.95
N GLY B 157 3.41 -16.35 -10.21
CA GLY B 157 3.14 -17.66 -10.80
C GLY B 157 1.71 -17.82 -11.24
N ILE B 158 0.76 -17.46 -10.38
CA ILE B 158 -0.66 -17.66 -10.69
C ILE B 158 -1.08 -16.84 -11.90
N PRO B 159 -0.82 -15.53 -11.97
CA PRO B 159 -1.22 -14.78 -13.18
C PRO B 159 -0.54 -15.28 -14.45
N LEU B 160 0.76 -15.55 -14.39
CA LEU B 160 1.49 -16.01 -15.57
C LEU B 160 0.94 -17.34 -16.07
N LEU B 161 0.71 -18.28 -15.15
CA LEU B 161 0.24 -19.59 -15.56
C LEU B 161 -1.21 -19.55 -16.03
N ILE B 162 -2.03 -18.68 -15.44
CA ILE B 162 -3.40 -18.53 -15.95
C ILE B 162 -3.37 -17.94 -17.36
N ALA B 163 -2.50 -16.97 -17.59
CA ALA B 163 -2.37 -16.40 -18.94
C ALA B 163 -1.92 -17.45 -19.94
N MET B 164 -0.96 -18.30 -19.54
CA MET B 164 -0.41 -19.26 -20.48
C MET B 164 -1.37 -20.42 -20.76
N TYR B 165 -2.03 -20.95 -19.73
CA TYR B 165 -2.77 -22.20 -19.87
C TYR B 165 -4.23 -22.17 -19.43
N GLY B 166 -4.64 -21.24 -18.58
CA GLY B 166 -6.03 -21.14 -18.15
C GLY B 166 -6.16 -21.16 -16.64
N GLU B 167 -7.42 -21.19 -16.20
CA GLU B 167 -7.74 -21.05 -14.78
C GLU B 167 -7.41 -22.32 -14.00
N TYR B 168 -7.62 -23.49 -14.60
CA TYR B 168 -7.28 -24.74 -13.94
C TYR B 168 -5.80 -24.74 -13.54
N SER B 169 -4.95 -24.12 -14.36
CA SER B 169 -3.56 -23.93 -13.97
C SER B 169 -3.47 -23.08 -12.72
N GLY B 170 -4.35 -22.09 -12.57
CA GLY B 170 -4.38 -21.32 -11.34
C GLY B 170 -4.73 -22.19 -10.13
N SER B 171 -5.66 -23.12 -10.31
CA SER B 171 -5.99 -24.05 -9.22
C SER B 171 -4.78 -24.92 -8.87
N LEU B 172 -4.09 -25.44 -9.88
CA LEU B 172 -2.90 -26.26 -9.62
C LEU B 172 -1.84 -25.45 -8.89
N MET B 173 -1.63 -24.21 -9.30
CA MET B 173 -0.65 -23.36 -8.63
C MET B 173 -1.09 -23.06 -7.20
N VAL B 174 -2.38 -22.95 -6.93
CA VAL B 174 -2.86 -22.78 -5.57
C VAL B 174 -2.52 -24.00 -4.73
N GLN B 175 -2.72 -25.20 -5.28
CA GLN B 175 -2.34 -26.41 -4.56
C GLN B 175 -0.84 -26.42 -4.24
N ILE B 176 -0.03 -26.03 -5.23
CA ILE B 176 1.41 -25.94 -5.00
C ILE B 176 1.73 -24.95 -3.90
N VAL B 177 1.02 -23.81 -3.88
CA VAL B 177 1.23 -22.80 -2.84
C VAL B 177 0.92 -23.39 -1.47
N VAL B 178 -0.19 -24.11 -1.37
CA VAL B 178 -0.57 -24.71 -0.09
C VAL B 178 0.51 -25.67 0.38
N LEU B 179 0.98 -26.55 -0.51
CA LEU B 179 2.00 -27.52 -0.11
C LEU B 179 3.30 -26.83 0.29
N GLN B 180 3.71 -25.78 -0.44
CA GLN B 180 4.91 -25.06 -0.04
C GLN B 180 4.74 -24.41 1.33
N CYS B 181 3.58 -23.79 1.56
CA CYS B 181 3.38 -23.05 2.81
C CYS B 181 3.35 -23.98 4.00
N ILE B 182 2.63 -25.10 3.90
CA ILE B 182 2.44 -25.96 5.06
C ILE B 182 3.68 -26.80 5.33
N ILE B 183 4.22 -27.44 4.30
CA ILE B 183 5.21 -28.49 4.47
C ILE B 183 6.64 -27.98 4.25
N TRP B 184 6.94 -27.51 3.04
CA TRP B 184 8.34 -27.30 2.67
C TRP B 184 8.96 -26.10 3.37
N TYR B 185 8.15 -25.08 3.64
CA TYR B 185 8.60 -23.94 4.44
C TYR B 185 8.85 -24.41 5.89
N THR B 186 7.96 -25.27 6.39
CA THR B 186 8.15 -25.87 7.71
C THR B 186 9.42 -26.70 7.76
N LEU B 187 9.70 -27.47 6.70
CA LEU B 187 10.94 -28.23 6.64
C LEU B 187 12.15 -27.31 6.60
N LEU B 188 12.05 -26.20 5.89
CA LEU B 188 13.14 -25.22 5.90
C LEU B 188 13.37 -24.66 7.29
N LEU B 189 12.28 -24.37 8.02
CA LEU B 189 12.42 -23.93 9.39
C LEU B 189 13.11 -24.99 10.25
N PHE B 190 12.74 -26.26 10.06
CA PHE B 190 13.37 -27.35 10.80
C PHE B 190 14.85 -27.41 10.51
N LEU B 191 15.24 -27.30 9.24
CA LEU B 191 16.65 -27.38 8.89
C LEU B 191 17.44 -26.19 9.46
N PHE B 192 16.89 -24.99 9.35
CA PHE B 192 17.58 -23.82 9.87
C PHE B 192 17.73 -23.90 11.38
N GLU B 193 16.68 -24.34 12.08
CA GLU B 193 16.76 -24.45 13.53
C GLU B 193 17.70 -25.57 13.96
N PHE B 194 17.75 -26.66 13.21
CA PHE B 194 18.71 -27.71 13.52
C PHE B 194 20.13 -27.20 13.35
N ARG B 195 20.39 -26.43 12.29
CA ARG B 195 21.72 -25.86 12.10
C ARG B 195 22.07 -24.93 13.25
N GLY B 196 21.14 -24.06 13.64
CA GLY B 196 21.41 -23.15 14.74
C GLY B 196 21.65 -23.88 16.05
N ALA B 197 20.85 -24.90 16.34
CA ALA B 197 21.01 -25.67 17.57
C ALA B 197 22.35 -26.40 17.58
N LYS B 198 22.73 -26.99 16.44
CA LYS B 198 24.02 -27.65 16.35
C LYS B 198 25.16 -26.67 16.61
N MET B 199 25.07 -25.48 16.00
CA MET B 199 26.12 -24.50 16.21
C MET B 199 26.22 -24.09 17.68
N LEU B 200 25.07 -23.83 18.31
CA LEU B 200 25.08 -23.45 19.72
C LEU B 200 25.65 -24.56 20.59
N ILE B 201 25.24 -25.80 20.35
CA ILE B 201 25.71 -26.91 21.17
C ILE B 201 27.21 -27.10 21.01
N MET B 202 27.70 -27.05 19.77
CA MET B 202 29.14 -27.19 19.56
C MET B 202 29.92 -26.06 20.21
N GLU B 203 29.39 -24.84 20.11
CA GLU B 203 30.11 -23.68 20.66
C GLU B 203 30.13 -23.73 22.19
N GLN B 204 29.06 -24.24 22.81
CA GLN B 204 28.91 -24.17 24.27
C GLN B 204 29.46 -25.40 24.98
N PHE B 205 29.21 -26.59 24.44
CA PHE B 205 29.58 -27.86 25.09
C PHE B 205 30.35 -28.71 24.09
N PRO B 206 31.63 -28.39 23.87
CA PRO B 206 32.41 -29.20 22.90
C PRO B 206 32.54 -30.66 23.30
N GLU B 207 32.65 -30.94 24.61
CA GLU B 207 32.87 -32.30 25.09
C GLU B 207 31.71 -32.87 25.89
N THR B 208 30.92 -32.03 26.55
CA THR B 208 29.82 -32.49 27.39
C THR B 208 28.54 -32.72 26.62
N ALA B 209 28.54 -32.49 25.30
CA ALA B 209 27.31 -32.59 24.52
C ALA B 209 26.69 -33.99 24.58
N ALA B 210 27.48 -35.01 24.89
CA ALA B 210 26.93 -36.36 24.97
C ALA B 210 26.14 -36.59 26.25
N SER B 211 26.52 -35.94 27.35
CA SER B 211 25.89 -36.20 28.63
C SER B 211 24.51 -35.55 28.74
N ILE B 212 24.34 -34.35 28.17
CA ILE B 212 23.11 -33.60 28.40
C ILE B 212 21.90 -34.42 27.95
N VAL B 213 20.81 -34.33 28.71
CA VAL B 213 19.62 -35.13 28.46
C VAL B 213 18.36 -34.27 28.45
N SER B 214 18.45 -33.05 28.97
CA SER B 214 17.28 -32.18 29.09
C SER B 214 17.65 -30.74 28.77
N PHE B 215 16.78 -30.08 28.00
CA PHE B 215 16.93 -28.68 27.61
C PHE B 215 15.72 -27.89 28.06
N LYS B 216 15.96 -26.72 28.65
CA LYS B 216 14.90 -25.80 29.05
C LYS B 216 15.15 -24.45 28.39
N VAL B 217 14.16 -23.96 27.65
CA VAL B 217 14.26 -22.68 26.96
C VAL B 217 13.23 -21.74 27.55
N GLU B 218 13.69 -20.59 28.05
CA GLU B 218 12.79 -19.62 28.64
C GLU B 218 11.97 -18.92 27.57
N SER B 219 10.77 -18.49 27.94
CA SER B 219 9.82 -17.94 26.96
C SER B 219 10.35 -16.69 26.27
N ASP B 220 11.35 -16.03 26.83
CA ASP B 220 11.91 -14.84 26.19
C ASP B 220 12.53 -15.20 24.84
N VAL B 221 13.25 -16.33 24.79
CA VAL B 221 13.91 -16.73 23.55
C VAL B 221 12.87 -17.12 22.51
N VAL B 222 13.13 -16.72 21.26
CA VAL B 222 12.22 -17.01 20.17
C VAL B 222 12.88 -17.71 18.99
N SER B 223 14.20 -17.63 18.85
CA SER B 223 14.88 -18.23 17.70
C SER B 223 16.34 -18.46 18.07
N LEU B 224 17.05 -19.13 17.18
CA LEU B 224 18.48 -19.41 17.31
C LEU B 224 19.24 -18.91 16.09
N ASP B 225 18.90 -17.70 15.64
CA ASP B 225 19.56 -17.12 14.48
C ASP B 225 21.01 -16.72 14.77
N GLY B 226 21.34 -16.48 16.03
CA GLY B 226 22.66 -15.97 16.38
C GLY B 226 22.72 -14.47 16.59
N HIS B 227 21.58 -13.78 16.54
CA HIS B 227 21.53 -12.34 16.77
C HIS B 227 21.21 -12.00 18.22
N ASP B 228 21.15 -13.00 19.10
CA ASP B 228 20.85 -12.79 20.51
C ASP B 228 21.95 -13.39 21.37
N PHE B 229 22.12 -12.83 22.56
CA PHE B 229 23.13 -13.30 23.51
C PHE B 229 22.51 -14.40 24.36
N LEU B 230 22.76 -15.65 23.98
CA LEU B 230 22.11 -16.80 24.60
C LEU B 230 23.07 -17.46 25.60
N GLU B 231 22.86 -17.18 26.88
CA GLU B 231 23.57 -17.88 27.94
C GLU B 231 23.04 -19.31 28.03
N THR B 232 23.87 -20.21 28.55
CA THR B 232 23.53 -21.62 28.65
C THR B 232 24.04 -22.14 29.99
N ASP B 233 23.14 -22.23 30.97
CA ASP B 233 23.49 -22.75 32.28
C ASP B 233 23.41 -24.28 32.27
N ALA B 234 24.31 -24.90 33.04
CA ALA B 234 24.38 -26.34 33.17
C ALA B 234 24.34 -26.71 34.64
N GLU B 235 23.43 -27.61 35.01
CA GLU B 235 23.28 -28.05 36.39
C GLU B 235 23.32 -29.57 36.46
N ILE B 236 24.00 -30.09 37.48
CA ILE B 236 24.12 -31.53 37.69
C ILE B 236 22.94 -32.00 38.53
N GLY B 237 22.23 -33.01 38.03
CA GLY B 237 21.12 -33.58 38.76
C GLY B 237 21.57 -34.62 39.78
N ASP B 238 20.59 -35.10 40.55
CA ASP B 238 20.88 -36.15 41.52
C ASP B 238 21.33 -37.43 40.82
N ASP B 239 20.80 -37.70 39.62
CA ASP B 239 21.18 -38.90 38.88
C ASP B 239 22.59 -38.82 38.33
N GLY B 240 23.24 -37.66 38.39
CA GLY B 240 24.57 -37.49 37.85
C GLY B 240 24.63 -36.98 36.42
N LYS B 241 23.49 -36.89 35.74
CA LYS B 241 23.47 -36.32 34.40
C LYS B 241 23.46 -34.81 34.47
N LEU B 242 23.48 -34.18 33.29
CA LEU B 242 23.55 -32.72 33.17
C LEU B 242 22.30 -32.21 32.48
N HIS B 243 21.64 -31.24 33.11
CA HIS B 243 20.49 -30.56 32.55
C HIS B 243 20.90 -29.15 32.15
N VAL B 244 20.38 -28.68 31.01
CA VAL B 244 20.82 -27.43 30.41
C VAL B 244 19.63 -26.48 30.32
N THR B 245 19.88 -25.21 30.59
CA THR B 245 18.88 -24.15 30.43
C THR B 245 19.47 -23.07 29.55
N VAL B 246 18.92 -22.89 28.36
CA VAL B 246 19.35 -21.87 27.42
C VAL B 246 18.44 -20.67 27.57
N ARG B 247 19.01 -19.53 27.98
CA ARG B 247 18.25 -18.35 28.31
C ARG B 247 18.87 -17.12 27.67
N LYS B 248 18.01 -16.23 27.19
CA LYS B 248 18.47 -14.97 26.61
C LYS B 248 19.19 -14.15 27.66
N SER B 249 20.24 -13.46 27.23
CA SER B 249 21.05 -12.64 28.14
C SER B 249 20.62 -11.18 28.08
N LYS B 511 33.48 -34.65 18.55
CA LYS B 511 32.28 -34.11 17.95
C LYS B 511 31.13 -35.09 18.06
N ASN B 512 30.57 -35.22 19.26
CA ASN B 512 29.45 -36.11 19.52
C ASN B 512 28.25 -35.27 19.94
N MET B 513 27.11 -35.52 19.31
CA MET B 513 25.89 -34.81 19.63
C MET B 513 25.16 -35.50 20.78
N PRO B 514 24.26 -34.78 21.45
CA PRO B 514 23.42 -35.42 22.47
C PRO B 514 22.47 -36.42 21.85
N PRO B 515 21.77 -37.21 22.66
CA PRO B 515 20.84 -38.20 22.07
C PRO B 515 19.75 -37.52 21.26
N ALA B 516 19.26 -38.26 20.26
CA ALA B 516 18.33 -37.66 19.29
C ALA B 516 17.06 -37.17 19.95
N SER B 517 16.68 -37.74 21.09
CA SER B 517 15.41 -37.38 21.72
C SER B 517 15.42 -35.93 22.21
N VAL B 518 16.48 -35.56 22.95
CA VAL B 518 16.54 -34.21 23.48
C VAL B 518 16.67 -33.19 22.36
N MET B 519 17.44 -33.52 21.31
CA MET B 519 17.55 -32.63 20.17
C MET B 519 16.19 -32.45 19.49
N THR B 520 15.44 -33.53 19.32
CA THR B 520 14.12 -33.43 18.73
C THR B 520 13.21 -32.55 19.57
N ARG B 521 13.27 -32.72 20.89
CA ARG B 521 12.44 -31.90 21.78
C ARG B 521 12.78 -30.42 21.63
N LEU B 522 14.07 -30.09 21.64
CA LEU B 522 14.48 -28.69 21.53
C LEU B 522 14.06 -28.10 20.19
N ILE B 523 14.28 -28.84 19.11
CA ILE B 523 13.92 -28.34 17.78
C ILE B 523 12.42 -28.13 17.69
N LEU B 524 11.64 -29.05 18.26
CA LEU B 524 10.19 -28.88 18.24
C LEU B 524 9.77 -27.64 19.01
N ILE B 525 10.35 -27.41 20.18
CA ILE B 525 10.00 -26.22 20.96
C ILE B 525 10.26 -24.97 20.15
N MET B 526 11.46 -24.86 19.55
CA MET B 526 11.81 -23.61 18.88
C MET B 526 11.02 -23.43 17.58
N VAL B 527 10.79 -24.51 16.84
CA VAL B 527 9.97 -24.43 15.63
C VAL B 527 8.56 -23.98 15.99
N TRP B 528 8.01 -24.51 17.08
CA TRP B 528 6.69 -24.07 17.52
C TRP B 528 6.69 -22.59 17.87
N ARG B 529 7.71 -22.13 18.58
CA ARG B 529 7.73 -20.72 18.98
C ARG B 529 7.79 -19.81 17.76
N LYS B 530 8.57 -20.17 16.74
CA LYS B 530 8.59 -19.33 15.54
C LYS B 530 7.34 -19.50 14.69
N LEU B 531 6.64 -20.62 14.80
CA LEU B 531 5.52 -20.87 13.91
C LEU B 531 4.30 -20.02 14.27
N ILE B 532 4.12 -19.71 15.55
CA ILE B 532 2.93 -18.97 15.98
C ILE B 532 3.09 -17.47 15.85
N ARG B 533 4.28 -16.97 15.51
CA ARG B 533 4.51 -15.55 15.25
C ARG B 533 4.64 -15.26 13.76
N ASN B 534 4.14 -16.16 12.91
CA ASN B 534 4.28 -16.05 11.47
C ASN B 534 2.93 -15.73 10.84
N PRO B 535 2.75 -14.56 10.20
CA PRO B 535 1.43 -14.27 9.61
C PRO B 535 1.00 -15.29 8.57
N ASN B 536 1.96 -15.85 7.82
CA ASN B 536 1.60 -16.82 6.79
C ASN B 536 1.06 -18.10 7.42
N THR B 537 1.55 -18.47 8.59
CA THR B 537 1.02 -19.62 9.30
C THR B 537 -0.47 -19.46 9.57
N TYR B 538 -0.85 -18.32 10.17
CA TYR B 538 -2.26 -18.09 10.47
C TYR B 538 -3.08 -18.02 9.19
N SER B 539 -2.59 -17.29 8.19
CA SER B 539 -3.35 -17.19 6.95
C SER B 539 -3.60 -18.56 6.34
N SER B 540 -2.55 -19.38 6.23
CA SER B 540 -2.69 -20.69 5.60
C SER B 540 -3.62 -21.59 6.40
N LEU B 541 -3.42 -21.66 7.73
CA LEU B 541 -4.20 -22.59 8.53
C LEU B 541 -5.67 -22.17 8.58
N ILE B 542 -5.94 -20.89 8.80
CA ILE B 542 -7.32 -20.44 8.87
C ILE B 542 -7.98 -20.57 7.51
N GLY B 543 -7.26 -20.29 6.43
CA GLY B 543 -7.83 -20.47 5.10
C GLY B 543 -8.15 -21.92 4.81
N LEU B 544 -7.26 -22.84 5.20
CA LEU B 544 -7.51 -24.25 4.98
C LEU B 544 -8.71 -24.74 5.79
N ILE B 545 -8.79 -24.36 7.05
CA ILE B 545 -9.92 -24.79 7.88
C ILE B 545 -11.22 -24.21 7.34
N TRP B 546 -11.21 -22.93 6.96
CA TRP B 546 -12.41 -22.33 6.41
C TRP B 546 -12.81 -23.00 5.11
N ALA B 547 -11.83 -23.33 4.26
CA ALA B 547 -12.16 -24.00 3.00
C ALA B 547 -12.76 -25.37 3.26
N LEU B 548 -12.19 -26.12 4.21
CA LEU B 548 -12.76 -27.42 4.55
C LEU B 548 -14.21 -27.29 5.00
N VAL B 549 -14.46 -26.39 5.95
CA VAL B 549 -15.82 -26.23 6.47
C VAL B 549 -16.77 -25.76 5.37
N ALA B 550 -16.32 -24.77 4.57
CA ALA B 550 -17.20 -24.16 3.59
C ALA B 550 -17.54 -25.11 2.46
N PHE B 551 -16.56 -25.88 1.97
CA PHE B 551 -16.83 -26.83 0.90
C PHE B 551 -17.41 -28.13 1.41
N ARG B 552 -17.42 -28.34 2.73
CA ARG B 552 -18.12 -29.49 3.31
C ARG B 552 -19.59 -29.20 3.57
N TRP B 553 -19.91 -28.00 4.07
CA TRP B 553 -21.29 -27.64 4.40
C TRP B 553 -21.83 -26.53 3.53
N HIS B 554 -21.07 -26.05 2.54
CA HIS B 554 -21.53 -25.03 1.61
C HIS B 554 -21.87 -23.72 2.31
N VAL B 555 -21.19 -23.43 3.40
CA VAL B 555 -21.39 -22.17 4.12
C VAL B 555 -20.71 -21.05 3.34
N ALA B 556 -21.35 -19.88 3.32
CA ALA B 556 -20.82 -18.70 2.65
C ALA B 556 -20.55 -17.61 3.68
N MET B 557 -19.44 -16.91 3.51
CA MET B 557 -19.10 -15.82 4.41
C MET B 557 -20.09 -14.66 4.25
N PRO B 558 -20.43 -13.97 5.34
CA PRO B 558 -21.24 -12.75 5.20
C PRO B 558 -20.54 -11.69 4.39
N LYS B 559 -21.33 -10.93 3.62
CA LYS B 559 -20.77 -9.96 2.69
C LYS B 559 -19.90 -8.93 3.41
N ILE B 560 -20.27 -8.57 4.65
CA ILE B 560 -19.53 -7.52 5.35
C ILE B 560 -18.11 -7.98 5.67
N ILE B 561 -17.96 -9.21 6.18
CA ILE B 561 -16.63 -9.73 6.47
C ILE B 561 -15.83 -9.93 5.20
N GLN B 562 -16.48 -10.43 4.15
CA GLN B 562 -15.82 -10.64 2.88
C GLN B 562 -15.28 -9.32 2.32
N GLN B 563 -16.07 -8.25 2.39
CA GLN B 563 -15.62 -6.95 1.91
C GLN B 563 -14.51 -6.40 2.81
N SER B 564 -14.60 -6.63 4.11
CA SER B 564 -13.55 -6.18 5.01
C SER B 564 -12.22 -6.83 4.65
N ILE B 565 -12.24 -8.10 4.26
CA ILE B 565 -11.02 -8.75 3.80
C ILE B 565 -10.59 -8.22 2.44
N SER B 566 -11.55 -8.07 1.51
CA SER B 566 -11.21 -7.72 0.13
C SER B 566 -10.61 -6.32 0.04
N ILE B 567 -11.07 -5.40 0.87
CA ILE B 567 -10.60 -4.02 0.76
C ILE B 567 -9.08 -3.96 0.93
N LEU B 568 -8.52 -4.87 1.73
CA LEU B 568 -7.07 -4.93 1.91
C LEU B 568 -6.42 -5.96 1.02
N SER B 569 -7.15 -6.99 0.58
CA SER B 569 -6.58 -7.96 -0.34
C SER B 569 -6.36 -7.38 -1.73
N ASP B 570 -7.17 -6.39 -2.12
CA ASP B 570 -7.08 -5.83 -3.47
C ASP B 570 -5.76 -5.12 -3.72
N ALA B 571 -5.06 -4.69 -2.66
CA ALA B 571 -3.77 -4.03 -2.81
C ALA B 571 -2.63 -5.03 -2.95
N GLY B 572 -2.89 -6.32 -2.82
CA GLY B 572 -1.86 -7.33 -2.69
C GLY B 572 -0.85 -7.41 -3.82
N LEU B 573 -1.31 -7.74 -5.03
CA LEU B 573 -0.39 -7.96 -6.14
C LEU B 573 0.39 -6.69 -6.47
N GLY B 574 -0.30 -5.56 -6.54
CA GLY B 574 0.38 -4.31 -6.85
C GLY B 574 1.41 -3.94 -5.81
N MET B 575 1.07 -4.06 -4.53
CA MET B 575 2.02 -3.71 -3.49
C MET B 575 3.17 -4.70 -3.43
N ALA B 576 2.94 -5.97 -3.76
CA ALA B 576 4.03 -6.94 -3.81
C ALA B 576 5.02 -6.60 -4.92
N MET B 577 4.51 -6.25 -6.10
CA MET B 577 5.40 -5.83 -7.18
C MET B 577 6.14 -4.55 -6.82
N PHE B 578 5.45 -3.61 -6.17
CA PHE B 578 6.11 -2.38 -5.73
C PHE B 578 7.22 -2.68 -4.73
N SER B 579 6.98 -3.62 -3.81
CA SER B 579 7.99 -3.98 -2.83
C SER B 579 9.18 -4.67 -3.50
N LEU B 580 8.93 -5.51 -4.50
CA LEU B 580 10.03 -6.11 -5.25
C LEU B 580 10.86 -5.04 -5.96
N GLY B 581 10.19 -4.04 -6.54
CA GLY B 581 10.92 -2.93 -7.14
C GLY B 581 11.75 -2.17 -6.13
N LEU B 582 11.21 -1.97 -4.92
CA LEU B 582 11.97 -1.31 -3.88
C LEU B 582 13.20 -2.13 -3.48
N PHE B 583 13.03 -3.44 -3.36
CA PHE B 583 14.17 -4.31 -3.05
C PHE B 583 15.23 -4.22 -4.15
N MET B 584 14.79 -4.20 -5.40
CA MET B 584 15.73 -4.03 -6.52
C MET B 584 16.48 -2.71 -6.42
N ALA B 585 15.77 -1.63 -6.07
CA ALA B 585 16.41 -0.32 -6.04
C ALA B 585 17.35 -0.16 -4.84
N LEU B 586 17.08 -0.87 -3.74
CA LEU B 586 17.86 -0.65 -2.53
C LEU B 586 19.26 -1.28 -2.60
N GLN B 587 19.40 -2.39 -3.32
CA GLN B 587 20.69 -3.08 -3.35
C GLN B 587 21.69 -2.31 -4.22
N PRO B 588 22.99 -2.50 -3.97
CA PRO B 588 23.98 -1.72 -4.72
C PRO B 588 24.15 -2.17 -6.16
N LYS B 589 24.22 -3.48 -6.41
CA LYS B 589 24.42 -4.02 -7.74
C LYS B 589 23.32 -5.00 -8.08
N LEU B 590 22.92 -5.01 -9.36
CA LEU B 590 21.93 -5.97 -9.82
C LEU B 590 22.45 -7.40 -9.74
N ILE B 591 23.76 -7.59 -9.89
CA ILE B 591 24.42 -8.87 -9.69
C ILE B 591 25.38 -8.72 -8.52
N ALA B 592 25.27 -9.60 -7.54
CA ALA B 592 26.03 -9.49 -6.30
C ALA B 592 27.07 -10.59 -6.11
N CYS B 593 26.72 -11.84 -6.43
CA CYS B 593 27.60 -12.96 -6.10
C CYS B 593 28.81 -13.02 -7.03
N GLY B 594 28.69 -12.52 -8.24
CA GLY B 594 29.76 -12.53 -9.21
C GLY B 594 29.33 -13.21 -10.51
N ASN B 595 30.24 -13.14 -11.49
CA ASN B 595 29.93 -13.65 -12.81
C ASN B 595 29.74 -15.17 -12.80
N SER B 596 30.72 -15.89 -12.26
CA SER B 596 30.67 -17.35 -12.30
C SER B 596 29.62 -17.90 -11.34
N VAL B 597 29.57 -17.36 -10.12
CA VAL B 597 28.58 -17.83 -9.16
C VAL B 597 27.18 -17.50 -9.63
N ALA B 598 26.97 -16.31 -10.18
CA ALA B 598 25.66 -15.96 -10.72
C ALA B 598 25.29 -16.87 -11.87
N THR B 599 26.25 -17.18 -12.75
CA THR B 599 25.98 -18.09 -13.86
C THR B 599 25.56 -19.45 -13.32
N PHE B 600 26.26 -19.95 -12.31
CA PHE B 600 25.93 -21.26 -11.74
C PHE B 600 24.53 -21.23 -11.10
N ALA B 601 24.22 -20.17 -10.36
CA ALA B 601 22.92 -20.08 -9.71
C ALA B 601 21.79 -20.03 -10.73
N MET B 602 21.95 -19.20 -11.76
CA MET B 602 20.93 -19.12 -12.80
C MET B 602 20.80 -20.45 -13.54
N ALA B 603 21.93 -21.10 -13.83
CA ALA B 603 21.88 -22.39 -14.50
C ALA B 603 21.11 -23.40 -13.66
N VAL B 604 21.42 -23.49 -12.37
CA VAL B 604 20.66 -24.38 -11.49
C VAL B 604 19.17 -24.05 -11.59
N ARG B 605 18.81 -22.81 -11.23
CA ARG B 605 17.41 -22.42 -11.16
C ARG B 605 16.66 -22.76 -12.44
N PHE B 606 17.24 -22.44 -13.60
CA PHE B 606 16.50 -22.47 -14.86
C PHE B 606 16.74 -23.72 -15.70
N LEU B 607 17.63 -24.62 -15.29
CA LEU B 607 17.83 -25.88 -15.99
C LEU B 607 17.61 -27.10 -15.10
N THR B 608 18.22 -27.13 -13.91
CA THR B 608 18.14 -28.33 -13.09
C THR B 608 16.73 -28.56 -12.58
N GLY B 609 16.07 -27.51 -12.09
CA GLY B 609 14.72 -27.62 -11.61
C GLY B 609 13.80 -28.16 -12.67
N PRO B 610 13.81 -27.54 -13.85
CA PRO B 610 13.03 -28.10 -14.97
C PRO B 610 13.44 -29.52 -15.34
N ALA B 611 14.73 -29.84 -15.31
CA ALA B 611 15.15 -31.19 -15.70
C ALA B 611 14.72 -32.23 -14.67
N VAL B 612 14.92 -31.93 -13.39
CA VAL B 612 14.49 -32.87 -12.35
C VAL B 612 12.98 -33.01 -12.36
N MET B 613 12.25 -31.91 -12.55
CA MET B 613 10.81 -31.99 -12.69
C MET B 613 10.40 -32.83 -13.88
N ALA B 614 11.12 -32.71 -15.00
CA ALA B 614 10.80 -33.54 -16.16
C ALA B 614 10.98 -35.02 -15.84
N VAL B 615 12.09 -35.36 -15.19
CA VAL B 615 12.34 -36.76 -14.84
C VAL B 615 11.25 -37.27 -13.91
N ALA B 616 10.93 -36.50 -12.86
CA ALA B 616 9.93 -36.93 -11.89
C ALA B 616 8.55 -37.05 -12.54
N ALA B 617 8.19 -36.10 -13.41
CA ALA B 617 6.88 -36.11 -14.03
C ALA B 617 6.75 -37.26 -15.04
N ILE B 618 7.84 -37.60 -15.73
CA ILE B 618 7.80 -38.75 -16.62
C ILE B 618 7.72 -40.04 -15.81
N ALA B 619 8.43 -40.11 -14.69
CA ALA B 619 8.36 -41.31 -13.85
C ALA B 619 6.96 -41.50 -13.29
N ILE B 620 6.36 -40.43 -12.78
CA ILE B 620 5.01 -40.51 -12.24
C ILE B 620 4.01 -40.92 -13.33
N GLY B 621 4.14 -40.30 -14.51
CA GLY B 621 3.26 -40.61 -15.62
C GLY B 621 2.50 -39.38 -16.12
N LEU B 622 3.02 -38.20 -15.83
CA LEU B 622 2.40 -36.97 -16.32
C LEU B 622 2.59 -36.86 -17.83
N ARG B 623 1.53 -36.39 -18.50
CA ARG B 623 1.56 -36.19 -19.95
C ARG B 623 0.75 -34.96 -20.29
N GLY B 624 0.53 -34.76 -21.59
CA GLY B 624 -0.35 -33.68 -22.02
C GLY B 624 0.13 -32.32 -21.54
N ASP B 625 -0.82 -31.51 -21.04
CA ASP B 625 -0.51 -30.15 -20.62
C ASP B 625 -0.13 -30.07 -19.15
N LEU B 626 -0.47 -31.08 -18.35
CA LEU B 626 -0.01 -31.08 -16.95
C LEU B 626 1.51 -31.10 -16.89
N LEU B 627 2.15 -31.85 -17.78
CA LEU B 627 3.61 -31.90 -17.81
C LEU B 627 4.20 -30.53 -18.16
N ARG B 628 3.63 -29.86 -19.16
CA ARG B 628 4.11 -28.53 -19.52
C ARG B 628 3.91 -27.56 -18.36
N VAL B 629 2.76 -27.62 -17.69
CA VAL B 629 2.52 -26.75 -16.54
C VAL B 629 3.57 -27.00 -15.47
N ALA B 630 3.85 -28.27 -15.18
CA ALA B 630 4.83 -28.59 -14.15
C ALA B 630 6.20 -28.06 -14.52
N ILE B 631 6.62 -28.24 -15.77
CA ILE B 631 7.96 -27.81 -16.18
C ILE B 631 8.06 -26.28 -16.14
N VAL B 632 7.09 -25.58 -16.71
CA VAL B 632 7.16 -24.13 -16.74
C VAL B 632 7.08 -23.56 -15.33
N GLN B 633 6.29 -24.19 -14.46
CA GLN B 633 6.27 -23.81 -13.05
C GLN B 633 7.64 -24.00 -12.41
N ALA B 634 8.31 -25.11 -12.72
CA ALA B 634 9.65 -25.33 -12.19
C ALA B 634 10.65 -24.31 -12.72
N ALA B 635 10.38 -23.72 -13.90
CA ALA B 635 11.28 -22.74 -14.48
C ALA B 635 10.97 -21.32 -14.03
N LEU B 636 10.19 -21.14 -12.97
CA LEU B 636 9.86 -19.82 -12.47
C LEU B 636 11.04 -19.24 -11.68
N PRO B 637 11.03 -17.93 -11.43
CA PRO B 637 12.09 -17.33 -10.60
C PRO B 637 11.96 -17.73 -9.14
N GLN B 638 13.04 -17.52 -8.40
CA GLN B 638 13.16 -18.07 -7.06
C GLN B 638 12.29 -17.31 -6.07
N GLY B 639 11.77 -18.03 -5.09
CA GLY B 639 10.77 -17.47 -4.19
C GLY B 639 11.35 -16.51 -3.17
N ILE B 640 10.46 -15.71 -2.58
CA ILE B 640 10.87 -14.68 -1.64
C ILE B 640 11.03 -15.22 -0.23
N VAL B 641 10.22 -16.21 0.18
CA VAL B 641 10.32 -16.73 1.54
C VAL B 641 11.68 -17.37 1.82
N PRO B 642 12.23 -18.20 0.94
CA PRO B 642 13.59 -18.70 1.19
C PRO B 642 14.62 -17.60 1.23
N PHE B 643 14.43 -16.52 0.47
CA PHE B 643 15.33 -15.39 0.53
C PHE B 643 15.24 -14.70 1.90
N VAL B 644 14.02 -14.57 2.43
CA VAL B 644 13.84 -14.02 3.77
C VAL B 644 14.54 -14.89 4.80
N PHE B 645 14.40 -16.22 4.67
CA PHE B 645 15.07 -17.12 5.61
C PHE B 645 16.59 -17.01 5.49
N ALA B 646 17.10 -16.87 4.26
CA ALA B 646 18.53 -16.71 4.08
C ALA B 646 19.03 -15.41 4.72
N LYS B 647 18.24 -14.34 4.60
CA LYS B 647 18.57 -13.12 5.32
C LYS B 647 18.62 -13.38 6.82
N GLU B 648 17.60 -14.06 7.35
CA GLU B 648 17.48 -14.25 8.80
C GLU B 648 18.64 -15.06 9.35
N TYR B 649 19.02 -16.13 8.65
CA TYR B 649 20.04 -17.05 9.13
C TYR B 649 21.40 -16.84 8.47
N ASN B 650 21.50 -15.93 7.50
CA ASN B 650 22.76 -15.64 6.81
C ASN B 650 23.37 -16.92 6.24
N VAL B 651 22.65 -17.53 5.30
CA VAL B 651 23.10 -18.72 4.60
C VAL B 651 23.03 -18.40 3.11
N HIS B 652 24.14 -17.94 2.54
CA HIS B 652 24.23 -17.60 1.13
C HIS B 652 23.10 -16.67 0.70
N PRO B 653 22.87 -15.57 1.42
CA PRO B 653 21.78 -14.66 1.02
C PRO B 653 21.99 -14.00 -0.33
N ALA B 654 23.24 -13.77 -0.73
CA ALA B 654 23.50 -13.07 -2.00
C ALA B 654 23.02 -13.89 -3.19
N ILE B 655 23.24 -15.21 -3.17
CA ILE B 655 22.79 -16.05 -4.26
C ILE B 655 21.27 -16.02 -4.36
N LEU B 656 20.58 -16.09 -3.22
CA LEU B 656 19.13 -16.02 -3.21
C LEU B 656 18.64 -14.65 -3.70
N SER B 657 19.36 -13.58 -3.35
CA SER B 657 19.01 -12.25 -3.83
C SER B 657 19.13 -12.15 -5.34
N THR B 658 20.25 -12.63 -5.87
CA THR B 658 20.42 -12.68 -7.32
C THR B 658 19.29 -13.49 -7.95
N GLY B 659 19.02 -14.67 -7.41
CA GLY B 659 17.90 -15.46 -7.86
C GLY B 659 16.65 -14.61 -7.97
N VAL B 660 16.12 -14.14 -6.85
CA VAL B 660 14.84 -13.43 -6.88
C VAL B 660 14.87 -12.30 -7.90
N ILE B 661 15.81 -11.36 -7.74
CA ILE B 661 15.73 -10.12 -8.52
C ILE B 661 16.09 -10.37 -9.99
N PHE B 662 17.29 -10.89 -10.24
CA PHE B 662 17.72 -11.07 -11.62
C PHE B 662 16.82 -12.06 -12.35
N GLY B 663 16.42 -13.15 -11.70
CA GLY B 663 15.50 -14.08 -12.31
C GLY B 663 14.14 -13.47 -12.58
N MET B 664 13.68 -12.56 -11.73
CA MET B 664 12.46 -11.83 -12.04
C MET B 664 12.65 -11.03 -13.31
N LEU B 665 13.82 -10.41 -13.48
CA LEU B 665 14.06 -9.63 -14.68
C LEU B 665 14.12 -10.51 -15.92
N ILE B 666 14.76 -11.68 -15.85
CA ILE B 666 15.05 -12.48 -17.03
C ILE B 666 14.11 -13.68 -17.18
N ALA B 667 13.08 -13.78 -16.35
CA ALA B 667 12.17 -14.91 -16.44
C ALA B 667 11.21 -14.79 -17.61
N LEU B 668 10.86 -13.56 -18.00
CA LEU B 668 9.97 -13.41 -19.15
C LEU B 668 10.56 -14.02 -20.40
N PRO B 669 11.80 -13.70 -20.80
CA PRO B 669 12.37 -14.38 -21.98
C PRO B 669 12.57 -15.88 -21.76
N ILE B 670 13.13 -16.28 -20.62
CA ILE B 670 13.40 -17.70 -20.38
C ILE B 670 12.10 -18.49 -20.33
N THR B 671 11.11 -17.97 -19.62
CA THR B 671 9.85 -18.69 -19.48
C THR B 671 9.08 -18.69 -20.80
N LEU B 672 9.19 -17.63 -21.60
CA LEU B 672 8.59 -17.64 -22.92
C LEU B 672 9.29 -18.64 -23.84
N VAL B 673 10.60 -18.80 -23.70
CA VAL B 673 11.32 -19.80 -24.48
C VAL B 673 10.86 -21.20 -24.10
N TYR B 674 10.70 -21.45 -22.81
CA TYR B 674 10.15 -22.74 -22.38
C TYR B 674 8.75 -22.94 -22.95
N TYR B 675 7.92 -21.91 -22.87
CA TYR B 675 6.57 -21.98 -23.43
C TYR B 675 6.60 -22.37 -24.90
N ILE B 676 7.46 -21.71 -25.69
CA ILE B 676 7.50 -21.96 -27.13
C ILE B 676 8.01 -23.36 -27.42
N LEU B 677 9.14 -23.74 -26.81
CA LEU B 677 9.71 -25.05 -27.09
C LEU B 677 8.77 -26.17 -26.67
N LEU B 678 8.11 -26.05 -25.53
CA LEU B 678 7.15 -27.07 -25.12
C LEU B 678 5.89 -27.03 -25.97
N GLY B 679 5.56 -25.88 -26.56
CA GLY B 679 4.32 -25.77 -27.30
C GLY B 679 4.32 -26.41 -28.68
N LEU B 680 5.49 -26.72 -29.23
CA LEU B 680 5.57 -27.35 -30.53
C LEU B 680 4.97 -28.76 -30.48
#